data_1HS4
# 
_entry.id   1HS4 
# 
_audit_conform.dict_name       mmcif_pdbx.dic 
_audit_conform.dict_version    5.392 
_audit_conform.dict_location   http://mmcif.pdb.org/dictionaries/ascii/mmcif_pdbx.dic 
# 
loop_
_database_2.database_id 
_database_2.database_code 
_database_2.pdbx_database_accession 
_database_2.pdbx_DOI 
PDB   1HS4         pdb_00001hs4 10.2210/pdb1hs4/pdb 
RCSB  RCSB012555   ?            ?                   
WWPDB D_1000012555 ?            ?                   
# 
loop_
_pdbx_audit_revision_history.ordinal 
_pdbx_audit_revision_history.data_content_type 
_pdbx_audit_revision_history.major_revision 
_pdbx_audit_revision_history.minor_revision 
_pdbx_audit_revision_history.revision_date 
1 'Structure model' 1 0 2003-09-02 
2 'Structure model' 1 1 2008-04-27 
3 'Structure model' 1 2 2011-07-13 
4 'Structure model' 1 3 2022-02-23 
5 'Structure model' 1 4 2024-05-22 
# 
_pdbx_audit_revision_details.ordinal             1 
_pdbx_audit_revision_details.revision_ordinal    1 
_pdbx_audit_revision_details.data_content_type   'Structure model' 
_pdbx_audit_revision_details.provider            repository 
_pdbx_audit_revision_details.type                'Initial release' 
_pdbx_audit_revision_details.description         ? 
_pdbx_audit_revision_details.details             ? 
# 
loop_
_pdbx_audit_revision_group.ordinal 
_pdbx_audit_revision_group.revision_ordinal 
_pdbx_audit_revision_group.data_content_type 
_pdbx_audit_revision_group.group 
1 2 'Structure model' 'Version format compliance' 
2 3 'Structure model' 'Version format compliance' 
3 4 'Structure model' 'Data collection'           
4 4 'Structure model' 'Database references'       
5 4 'Structure model' 'Derived calculations'      
6 5 'Structure model' 'Data collection'           
# 
loop_
_pdbx_audit_revision_category.ordinal 
_pdbx_audit_revision_category.revision_ordinal 
_pdbx_audit_revision_category.data_content_type 
_pdbx_audit_revision_category.category 
1 4 'Structure model' database_2            
2 4 'Structure model' pdbx_nmr_software     
3 4 'Structure model' pdbx_struct_assembly  
4 4 'Structure model' pdbx_struct_oper_list 
5 5 'Structure model' chem_comp_atom        
6 5 'Structure model' chem_comp_bond        
# 
loop_
_pdbx_audit_revision_item.ordinal 
_pdbx_audit_revision_item.revision_ordinal 
_pdbx_audit_revision_item.data_content_type 
_pdbx_audit_revision_item.item 
1 4 'Structure model' '_database_2.pdbx_DOI'                
2 4 'Structure model' '_database_2.pdbx_database_accession' 
3 4 'Structure model' '_pdbx_nmr_software.name'             
# 
_pdbx_database_status.status_code                     REL 
_pdbx_database_status.entry_id                        1HS4 
_pdbx_database_status.recvd_initial_deposition_date   2000-12-22 
_pdbx_database_status.deposit_site                    RCSB 
_pdbx_database_status.process_site                    RCSB 
_pdbx_database_status.SG_entry                        . 
_pdbx_database_status.pdb_format_compatible           Y 
_pdbx_database_status.status_code_mr                  ? 
_pdbx_database_status.status_code_sf                  ? 
_pdbx_database_status.status_code_cs                  ? 
_pdbx_database_status.status_code_nmr_data            ? 
_pdbx_database_status.methods_development_category    ? 
# 
loop_
_pdbx_database_related.db_name 
_pdbx_database_related.db_id 
_pdbx_database_related.details 
_pdbx_database_related.content_type 
PDB 1HS1 'RNA hairpin loop UUAACU as part of hairpin r(GCGUUAACUCGCA)' unspecified 
PDB 1HS2 'RNA hairpin loop UUAAGU as part of hairpin r(GCGUUAAGUCGCA)' unspecified 
PDB 1HS3 'RNA hairpin loop UUAAUU as part of hairpin r(GCGUUAAUUCGCA)' unspecified 
PDB 1HS8 'RNA hairpin loop UCAAUU as part of hairpin r(GCGUCAAUUCGCA)' unspecified 
# 
loop_
_audit_author.name 
_audit_author.pdbx_ordinal 
'Zhang, H.'   1 
'Culyba, M.'  2 
'Volkman, H.' 3 
'Krugh, T.R.' 4 
# 
_citation.id                        primary 
_citation.title                     
'Structural Characterization of Six-Nucleotide RNA Hairpin loops: r(UUAAUU), r(UUAAAU), r(UUAACU)' 
_citation.journal_abbrev            'To be Published' 
_citation.journal_volume            ? 
_citation.page_first                ? 
_citation.page_last                 ? 
_citation.year                      ? 
_citation.journal_id_ASTM           ? 
_citation.country                   ? 
_citation.journal_id_ISSN           ? 
_citation.journal_id_CSD            0353 
_citation.book_publisher            ? 
_citation.pdbx_database_id_PubMed   ? 
_citation.pdbx_database_id_DOI      ? 
# 
loop_
_citation_author.citation_id 
_citation_author.name 
_citation_author.ordinal 
_citation_author.identifier_ORCID 
primary 'Zhang, H.'   1 ? 
primary 'Culyba, M.'  2 ? 
primary 'Volkman, H.' 3 ? 
primary 'Krugh, T.R.' 4 ? 
# 
_entity.id                         1 
_entity.type                       polymer 
_entity.src_method                 syn 
_entity.pdbx_description           "5'-R(*GP*CP*GP*UP*UP*AP*AP*AP*UP*CP*GP*CP*A)-3'" 
_entity.formula_weight             4141.526 
_entity.pdbx_number_of_molecules   1 
_entity.pdbx_ec                    ? 
_entity.pdbx_mutation              ? 
_entity.pdbx_fragment              ? 
_entity.details                    ? 
# 
_entity_poly.entity_id                      1 
_entity_poly.type                           polyribonucleotide 
_entity_poly.nstd_linkage                   no 
_entity_poly.nstd_monomer                   no 
_entity_poly.pdbx_seq_one_letter_code       GCGUUAAAUCGCA 
_entity_poly.pdbx_seq_one_letter_code_can   GCGUUAAAUCGCA 
_entity_poly.pdbx_strand_id                 A 
_entity_poly.pdbx_target_identifier         ? 
# 
loop_
_entity_poly_seq.entity_id 
_entity_poly_seq.num 
_entity_poly_seq.mon_id 
_entity_poly_seq.hetero 
1 1  G n 
1 2  C n 
1 3  G n 
1 4  U n 
1 5  U n 
1 6  A n 
1 7  A n 
1 8  A n 
1 9  U n 
1 10 C n 
1 11 G n 
1 12 C n 
1 13 A n 
# 
loop_
_chem_comp.id 
_chem_comp.type 
_chem_comp.mon_nstd_flag 
_chem_comp.name 
_chem_comp.pdbx_synonyms 
_chem_comp.formula 
_chem_comp.formula_weight 
A 'RNA linking' y "ADENOSINE-5'-MONOPHOSPHATE" ? 'C10 H14 N5 O7 P' 347.221 
C 'RNA linking' y "CYTIDINE-5'-MONOPHOSPHATE"  ? 'C9 H14 N3 O8 P'  323.197 
G 'RNA linking' y "GUANOSINE-5'-MONOPHOSPHATE" ? 'C10 H14 N5 O8 P' 363.221 
U 'RNA linking' y "URIDINE-5'-MONOPHOSPHATE"   ? 'C9 H13 N2 O9 P'  324.181 
# 
loop_
_pdbx_poly_seq_scheme.asym_id 
_pdbx_poly_seq_scheme.entity_id 
_pdbx_poly_seq_scheme.seq_id 
_pdbx_poly_seq_scheme.mon_id 
_pdbx_poly_seq_scheme.ndb_seq_num 
_pdbx_poly_seq_scheme.pdb_seq_num 
_pdbx_poly_seq_scheme.auth_seq_num 
_pdbx_poly_seq_scheme.pdb_mon_id 
_pdbx_poly_seq_scheme.auth_mon_id 
_pdbx_poly_seq_scheme.pdb_strand_id 
_pdbx_poly_seq_scheme.pdb_ins_code 
_pdbx_poly_seq_scheme.hetero 
A 1 1  G 1  1  1  G G A . n 
A 1 2  C 2  2  2  C C A . n 
A 1 3  G 3  3  3  G G A . n 
A 1 4  U 4  4  4  U U A . n 
A 1 5  U 5  5  5  U U A . n 
A 1 6  A 6  6  6  A A A . n 
A 1 7  A 7  7  7  A A A . n 
A 1 8  A 8  8  8  A A A . n 
A 1 9  U 9  9  9  U U A . n 
A 1 10 C 10 10 10 C C A . n 
A 1 11 G 11 11 11 G G A . n 
A 1 12 C 12 12 12 C C A . n 
A 1 13 A 13 13 13 A A A . n 
# 
_exptl.entry_id          1HS4 
_exptl.method            'SOLUTION NMR' 
_exptl.crystals_number   ? 
# 
_exptl_crystal.id                    1 
_exptl_crystal.density_meas          ? 
_exptl_crystal.density_Matthews      ? 
_exptl_crystal.density_percent_sol   ? 
_exptl_crystal.description           ? 
# 
_diffrn.id                     1 
_diffrn.ambient_temp           ? 
_diffrn.ambient_temp_details   ? 
_diffrn.crystal_id             1 
# 
_diffrn_radiation.diffrn_id                        1 
_diffrn_radiation.wavelength_id                    1 
_diffrn_radiation.pdbx_monochromatic_or_laue_m_l   M 
_diffrn_radiation.monochromator                    ? 
_diffrn_radiation.pdbx_diffrn_protocol             'SINGLE WAVELENGTH' 
_diffrn_radiation.pdbx_scattering_type             ? 
# 
_diffrn_radiation_wavelength.id           1 
_diffrn_radiation_wavelength.wavelength   . 
_diffrn_radiation_wavelength.wt           1.0 
# 
_struct.entry_id                  1HS4 
_struct.title                     'SOLUTION STRUCTURE OF RNA HAIRPIN LOOP UUAAAU AS PART OF HAIRPIN R(GCGUUAAAUCGCA)' 
_struct.pdbx_model_details        ? 
_struct.pdbx_CASP_flag            ? 
_struct.pdbx_model_type_details   ? 
# 
_struct_keywords.entry_id        1HS4 
_struct_keywords.pdbx_keywords   RNA 
_struct_keywords.text            'ribonucleic acid, hairpin loop, RNA structure, RNA' 
# 
_struct_asym.id                            A 
_struct_asym.pdbx_blank_PDB_chainid_flag   N 
_struct_asym.pdbx_modified                 N 
_struct_asym.entity_id                     1 
_struct_asym.details                       ? 
# 
_struct_ref.id                         1 
_struct_ref.entity_id                  1 
_struct_ref.db_name                    PDB 
_struct_ref.db_code                    1HS4 
_struct_ref.pdbx_db_accession          1HS4 
_struct_ref.pdbx_db_isoform            ? 
_struct_ref.pdbx_seq_one_letter_code   ? 
_struct_ref.pdbx_align_begin           ? 
# 
_struct_ref_seq.align_id                      1 
_struct_ref_seq.ref_id                        1 
_struct_ref_seq.pdbx_PDB_id_code              1HS4 
_struct_ref_seq.pdbx_strand_id                A 
_struct_ref_seq.seq_align_beg                 1 
_struct_ref_seq.pdbx_seq_align_beg_ins_code   ? 
_struct_ref_seq.seq_align_end                 13 
_struct_ref_seq.pdbx_seq_align_end_ins_code   ? 
_struct_ref_seq.pdbx_db_accession             1HS4 
_struct_ref_seq.db_align_beg                  1 
_struct_ref_seq.pdbx_db_align_beg_ins_code    ? 
_struct_ref_seq.db_align_end                  13 
_struct_ref_seq.pdbx_db_align_end_ins_code    ? 
_struct_ref_seq.pdbx_auth_seq_align_beg       1 
_struct_ref_seq.pdbx_auth_seq_align_end       13 
# 
_pdbx_struct_assembly.id                   1 
_pdbx_struct_assembly.details              author_defined_assembly 
_pdbx_struct_assembly.method_details       ? 
_pdbx_struct_assembly.oligomeric_details   monomeric 
_pdbx_struct_assembly.oligomeric_count     1 
# 
_pdbx_struct_assembly_gen.assembly_id       1 
_pdbx_struct_assembly_gen.oper_expression   1 
_pdbx_struct_assembly_gen.asym_id_list      A 
# 
_pdbx_struct_oper_list.id                   1 
_pdbx_struct_oper_list.type                 'identity operation' 
_pdbx_struct_oper_list.name                 1_555 
_pdbx_struct_oper_list.symmetry_operation   x,y,z 
_pdbx_struct_oper_list.matrix[1][1]         1.0000000000 
_pdbx_struct_oper_list.matrix[1][2]         0.0000000000 
_pdbx_struct_oper_list.matrix[1][3]         0.0000000000 
_pdbx_struct_oper_list.vector[1]            0.0000000000 
_pdbx_struct_oper_list.matrix[2][1]         0.0000000000 
_pdbx_struct_oper_list.matrix[2][2]         1.0000000000 
_pdbx_struct_oper_list.matrix[2][3]         0.0000000000 
_pdbx_struct_oper_list.vector[2]            0.0000000000 
_pdbx_struct_oper_list.matrix[3][1]         0.0000000000 
_pdbx_struct_oper_list.matrix[3][2]         0.0000000000 
_pdbx_struct_oper_list.matrix[3][3]         1.0000000000 
_pdbx_struct_oper_list.vector[3]            0.0000000000 
# 
_struct_biol.id   1 
# 
loop_
_struct_conn.id 
_struct_conn.conn_type_id 
_struct_conn.pdbx_leaving_atom_flag 
_struct_conn.pdbx_PDB_id 
_struct_conn.ptnr1_label_asym_id 
_struct_conn.ptnr1_label_comp_id 
_struct_conn.ptnr1_label_seq_id 
_struct_conn.ptnr1_label_atom_id 
_struct_conn.pdbx_ptnr1_label_alt_id 
_struct_conn.pdbx_ptnr1_PDB_ins_code 
_struct_conn.pdbx_ptnr1_standard_comp_id 
_struct_conn.ptnr1_symmetry 
_struct_conn.ptnr2_label_asym_id 
_struct_conn.ptnr2_label_comp_id 
_struct_conn.ptnr2_label_seq_id 
_struct_conn.ptnr2_label_atom_id 
_struct_conn.pdbx_ptnr2_label_alt_id 
_struct_conn.pdbx_ptnr2_PDB_ins_code 
_struct_conn.ptnr1_auth_asym_id 
_struct_conn.ptnr1_auth_comp_id 
_struct_conn.ptnr1_auth_seq_id 
_struct_conn.ptnr2_auth_asym_id 
_struct_conn.ptnr2_auth_comp_id 
_struct_conn.ptnr2_auth_seq_id 
_struct_conn.ptnr2_symmetry 
_struct_conn.pdbx_ptnr3_label_atom_id 
_struct_conn.pdbx_ptnr3_label_seq_id 
_struct_conn.pdbx_ptnr3_label_comp_id 
_struct_conn.pdbx_ptnr3_label_asym_id 
_struct_conn.pdbx_ptnr3_label_alt_id 
_struct_conn.pdbx_ptnr3_PDB_ins_code 
_struct_conn.details 
_struct_conn.pdbx_dist_value 
_struct_conn.pdbx_value_order 
_struct_conn.pdbx_role 
hydrog1  hydrog ? ? A G 1 N1 ? ? ? 1_555 A C 12 N3 ? ? A G 1 A C 12 1_555 ? ? ? ? ? ? WATSON-CRICK ? ? ? 
hydrog2  hydrog ? ? A G 1 N2 ? ? ? 1_555 A C 12 O2 ? ? A G 1 A C 12 1_555 ? ? ? ? ? ? WATSON-CRICK ? ? ? 
hydrog3  hydrog ? ? A G 1 O6 ? ? ? 1_555 A C 12 N4 ? ? A G 1 A C 12 1_555 ? ? ? ? ? ? WATSON-CRICK ? ? ? 
hydrog4  hydrog ? ? A C 2 N3 ? ? ? 1_555 A G 11 N1 ? ? A C 2 A G 11 1_555 ? ? ? ? ? ? WATSON-CRICK ? ? ? 
hydrog5  hydrog ? ? A C 2 N4 ? ? ? 1_555 A G 11 O6 ? ? A C 2 A G 11 1_555 ? ? ? ? ? ? WATSON-CRICK ? ? ? 
hydrog6  hydrog ? ? A C 2 O2 ? ? ? 1_555 A G 11 N2 ? ? A C 2 A G 11 1_555 ? ? ? ? ? ? WATSON-CRICK ? ? ? 
hydrog7  hydrog ? ? A G 3 N1 ? ? ? 1_555 A C 10 N3 ? ? A G 3 A C 10 1_555 ? ? ? ? ? ? WATSON-CRICK ? ? ? 
hydrog8  hydrog ? ? A G 3 N2 ? ? ? 1_555 A C 10 O2 ? ? A G 3 A C 10 1_555 ? ? ? ? ? ? WATSON-CRICK ? ? ? 
hydrog9  hydrog ? ? A G 3 O6 ? ? ? 1_555 A C 10 N4 ? ? A G 3 A C 10 1_555 ? ? ? ? ? ? WATSON-CRICK ? ? ? 
hydrog10 hydrog ? ? A U 4 N3 ? ? ? 1_555 A U 9  O4 ? ? A U 4 A U 9  1_555 ? ? ? ? ? ? TYPE_16_PAIR ? ? ? 
hydrog11 hydrog ? ? A U 4 O2 ? ? ? 1_555 A U 9  N3 ? ? A U 4 A U 9  1_555 ? ? ? ? ? ? TYPE_16_PAIR ? ? ? 
# 
_struct_conn_type.id          hydrog 
_struct_conn_type.criteria    ? 
_struct_conn_type.reference   ? 
# 
loop_
_pdbx_validate_rmsd_angle.id 
_pdbx_validate_rmsd_angle.PDB_model_num 
_pdbx_validate_rmsd_angle.auth_atom_id_1 
_pdbx_validate_rmsd_angle.auth_asym_id_1 
_pdbx_validate_rmsd_angle.auth_comp_id_1 
_pdbx_validate_rmsd_angle.auth_seq_id_1 
_pdbx_validate_rmsd_angle.PDB_ins_code_1 
_pdbx_validate_rmsd_angle.label_alt_id_1 
_pdbx_validate_rmsd_angle.auth_atom_id_2 
_pdbx_validate_rmsd_angle.auth_asym_id_2 
_pdbx_validate_rmsd_angle.auth_comp_id_2 
_pdbx_validate_rmsd_angle.auth_seq_id_2 
_pdbx_validate_rmsd_angle.PDB_ins_code_2 
_pdbx_validate_rmsd_angle.label_alt_id_2 
_pdbx_validate_rmsd_angle.auth_atom_id_3 
_pdbx_validate_rmsd_angle.auth_asym_id_3 
_pdbx_validate_rmsd_angle.auth_comp_id_3 
_pdbx_validate_rmsd_angle.auth_seq_id_3 
_pdbx_validate_rmsd_angle.PDB_ins_code_3 
_pdbx_validate_rmsd_angle.label_alt_id_3 
_pdbx_validate_rmsd_angle.angle_value 
_pdbx_validate_rmsd_angle.angle_target_value 
_pdbx_validate_rmsd_angle.angle_deviation 
_pdbx_validate_rmsd_angle.angle_standard_deviation 
_pdbx_validate_rmsd_angle.linker_flag 
1 1 "O4'" A C 2  ? ? "C1'" A C 2  ? ? N1 A C 2  ? ? 112.73 108.50 4.23 0.70 N 
2 1 "O4'" A U 4  ? ? "C1'" A U 4  ? ? N1 A U 4  ? ? 113.26 108.50 4.76 0.70 N 
3 1 "O4'" A U 9  ? ? "C1'" A U 9  ? ? N1 A U 9  ? ? 113.36 108.50 4.86 0.70 N 
4 1 "O4'" A C 10 ? ? "C1'" A C 10 ? ? N1 A C 10 ? ? 113.16 108.50 4.66 0.70 N 
5 1 "O4'" A C 12 ? ? "C1'" A C 12 ? ? N1 A C 12 ? ? 113.19 108.50 4.69 0.70 N 
# 
_pdbx_nmr_ensemble.entry_id                                      1HS4 
_pdbx_nmr_ensemble.conformers_calculated_total_number            30 
_pdbx_nmr_ensemble.conformers_submitted_total_number             1 
_pdbx_nmr_ensemble.conformer_selection_criteria                  'average structure of 30 conformers' 
_pdbx_nmr_ensemble.average_constraints_per_residue               ? 
_pdbx_nmr_ensemble.average_constraint_violations_per_residue     ? 
_pdbx_nmr_ensemble.maximum_distance_constraint_violation         ? 
_pdbx_nmr_ensemble.average_distance_constraint_violation         ? 
_pdbx_nmr_ensemble.maximum_upper_distance_constraint_violation   ? 
_pdbx_nmr_ensemble.maximum_lower_distance_constraint_violation   ? 
_pdbx_nmr_ensemble.distance_constraint_violation_method          ? 
_pdbx_nmr_ensemble.maximum_torsion_angle_constraint_violation    ? 
_pdbx_nmr_ensemble.average_torsion_angle_constraint_violation    ? 
_pdbx_nmr_ensemble.torsion_angle_constraint_violation_method     ? 
# 
_pdbx_nmr_sample_details.solution_id      1 
_pdbx_nmr_sample_details.contents         
;1 mM RNA oligomer - H2O; 
3 mM RNA oligomer - D2O
;
_pdbx_nmr_sample_details.solvent_system   ? 
# 
_pdbx_nmr_exptl_sample_conditions.conditions_id       1 
_pdbx_nmr_exptl_sample_conditions.temperature         303 
_pdbx_nmr_exptl_sample_conditions.pressure            '1.0 atm' 
_pdbx_nmr_exptl_sample_conditions.pH                  7.0 
_pdbx_nmr_exptl_sample_conditions.ionic_strength      '0.1 M NaCl, 0.01 M sodium phosphate' 
_pdbx_nmr_exptl_sample_conditions.pressure_units      ? 
_pdbx_nmr_exptl_sample_conditions.temperature_units   K 
# 
_pdbx_nmr_exptl.experiment_id   1 
_pdbx_nmr_exptl.solution_id     1 
_pdbx_nmr_exptl.conditions_id   1 
_pdbx_nmr_exptl.type            '2D NOESY' 
# 
_pdbx_nmr_refine.entry_id           1HS4 
_pdbx_nmr_refine.method             'restrained molecular dynamics & energy minimization' 
_pdbx_nmr_refine.details            ? 
_pdbx_nmr_refine.software_ordinal   1 
# 
loop_
_pdbx_nmr_software.name 
_pdbx_nmr_software.version 
_pdbx_nmr_software.classification 
_pdbx_nmr_software.authors 
_pdbx_nmr_software.ordinal 
Discover 'version 2.98' 'structure solution' MSI 1 
Discover 'version 2.98' refinement           MSI 2 
# 
loop_
_chem_comp_atom.comp_id 
_chem_comp_atom.atom_id 
_chem_comp_atom.type_symbol 
_chem_comp_atom.pdbx_aromatic_flag 
_chem_comp_atom.pdbx_stereo_config 
_chem_comp_atom.pdbx_ordinal 
A OP3    O N N 1   
A P      P N N 2   
A OP1    O N N 3   
A OP2    O N N 4   
A "O5'"  O N N 5   
A "C5'"  C N N 6   
A "C4'"  C N R 7   
A "O4'"  O N N 8   
A "C3'"  C N S 9   
A "O3'"  O N N 10  
A "C2'"  C N R 11  
A "O2'"  O N N 12  
A "C1'"  C N R 13  
A N9     N Y N 14  
A C8     C Y N 15  
A N7     N Y N 16  
A C5     C Y N 17  
A C6     C Y N 18  
A N6     N N N 19  
A N1     N Y N 20  
A C2     C Y N 21  
A N3     N Y N 22  
A C4     C Y N 23  
A HOP3   H N N 24  
A HOP2   H N N 25  
A "H5'"  H N N 26  
A "H5''" H N N 27  
A "H4'"  H N N 28  
A "H3'"  H N N 29  
A "HO3'" H N N 30  
A "H2'"  H N N 31  
A "HO2'" H N N 32  
A "H1'"  H N N 33  
A H8     H N N 34  
A H61    H N N 35  
A H62    H N N 36  
A H2     H N N 37  
C OP3    O N N 38  
C P      P N N 39  
C OP1    O N N 40  
C OP2    O N N 41  
C "O5'"  O N N 42  
C "C5'"  C N N 43  
C "C4'"  C N R 44  
C "O4'"  O N N 45  
C "C3'"  C N S 46  
C "O3'"  O N N 47  
C "C2'"  C N R 48  
C "O2'"  O N N 49  
C "C1'"  C N R 50  
C N1     N N N 51  
C C2     C N N 52  
C O2     O N N 53  
C N3     N N N 54  
C C4     C N N 55  
C N4     N N N 56  
C C5     C N N 57  
C C6     C N N 58  
C HOP3   H N N 59  
C HOP2   H N N 60  
C "H5'"  H N N 61  
C "H5''" H N N 62  
C "H4'"  H N N 63  
C "H3'"  H N N 64  
C "HO3'" H N N 65  
C "H2'"  H N N 66  
C "HO2'" H N N 67  
C "H1'"  H N N 68  
C H41    H N N 69  
C H42    H N N 70  
C H5     H N N 71  
C H6     H N N 72  
G OP3    O N N 73  
G P      P N N 74  
G OP1    O N N 75  
G OP2    O N N 76  
G "O5'"  O N N 77  
G "C5'"  C N N 78  
G "C4'"  C N R 79  
G "O4'"  O N N 80  
G "C3'"  C N S 81  
G "O3'"  O N N 82  
G "C2'"  C N R 83  
G "O2'"  O N N 84  
G "C1'"  C N R 85  
G N9     N Y N 86  
G C8     C Y N 87  
G N7     N Y N 88  
G C5     C Y N 89  
G C6     C N N 90  
G O6     O N N 91  
G N1     N N N 92  
G C2     C N N 93  
G N2     N N N 94  
G N3     N N N 95  
G C4     C Y N 96  
G HOP3   H N N 97  
G HOP2   H N N 98  
G "H5'"  H N N 99  
G "H5''" H N N 100 
G "H4'"  H N N 101 
G "H3'"  H N N 102 
G "HO3'" H N N 103 
G "H2'"  H N N 104 
G "HO2'" H N N 105 
G "H1'"  H N N 106 
G H8     H N N 107 
G H1     H N N 108 
G H21    H N N 109 
G H22    H N N 110 
U OP3    O N N 111 
U P      P N N 112 
U OP1    O N N 113 
U OP2    O N N 114 
U "O5'"  O N N 115 
U "C5'"  C N N 116 
U "C4'"  C N R 117 
U "O4'"  O N N 118 
U "C3'"  C N S 119 
U "O3'"  O N N 120 
U "C2'"  C N R 121 
U "O2'"  O N N 122 
U "C1'"  C N R 123 
U N1     N N N 124 
U C2     C N N 125 
U O2     O N N 126 
U N3     N N N 127 
U C4     C N N 128 
U O4     O N N 129 
U C5     C N N 130 
U C6     C N N 131 
U HOP3   H N N 132 
U HOP2   H N N 133 
U "H5'"  H N N 134 
U "H5''" H N N 135 
U "H4'"  H N N 136 
U "H3'"  H N N 137 
U "HO3'" H N N 138 
U "H2'"  H N N 139 
U "HO2'" H N N 140 
U "H1'"  H N N 141 
U H3     H N N 142 
U H5     H N N 143 
U H6     H N N 144 
# 
loop_
_chem_comp_bond.comp_id 
_chem_comp_bond.atom_id_1 
_chem_comp_bond.atom_id_2 
_chem_comp_bond.value_order 
_chem_comp_bond.pdbx_aromatic_flag 
_chem_comp_bond.pdbx_stereo_config 
_chem_comp_bond.pdbx_ordinal 
A OP3   P      sing N N 1   
A OP3   HOP3   sing N N 2   
A P     OP1    doub N N 3   
A P     OP2    sing N N 4   
A P     "O5'"  sing N N 5   
A OP2   HOP2   sing N N 6   
A "O5'" "C5'"  sing N N 7   
A "C5'" "C4'"  sing N N 8   
A "C5'" "H5'"  sing N N 9   
A "C5'" "H5''" sing N N 10  
A "C4'" "O4'"  sing N N 11  
A "C4'" "C3'"  sing N N 12  
A "C4'" "H4'"  sing N N 13  
A "O4'" "C1'"  sing N N 14  
A "C3'" "O3'"  sing N N 15  
A "C3'" "C2'"  sing N N 16  
A "C3'" "H3'"  sing N N 17  
A "O3'" "HO3'" sing N N 18  
A "C2'" "O2'"  sing N N 19  
A "C2'" "C1'"  sing N N 20  
A "C2'" "H2'"  sing N N 21  
A "O2'" "HO2'" sing N N 22  
A "C1'" N9     sing N N 23  
A "C1'" "H1'"  sing N N 24  
A N9    C8     sing Y N 25  
A N9    C4     sing Y N 26  
A C8    N7     doub Y N 27  
A C8    H8     sing N N 28  
A N7    C5     sing Y N 29  
A C5    C6     sing Y N 30  
A C5    C4     doub Y N 31  
A C6    N6     sing N N 32  
A C6    N1     doub Y N 33  
A N6    H61    sing N N 34  
A N6    H62    sing N N 35  
A N1    C2     sing Y N 36  
A C2    N3     doub Y N 37  
A C2    H2     sing N N 38  
A N3    C4     sing Y N 39  
C OP3   P      sing N N 40  
C OP3   HOP3   sing N N 41  
C P     OP1    doub N N 42  
C P     OP2    sing N N 43  
C P     "O5'"  sing N N 44  
C OP2   HOP2   sing N N 45  
C "O5'" "C5'"  sing N N 46  
C "C5'" "C4'"  sing N N 47  
C "C5'" "H5'"  sing N N 48  
C "C5'" "H5''" sing N N 49  
C "C4'" "O4'"  sing N N 50  
C "C4'" "C3'"  sing N N 51  
C "C4'" "H4'"  sing N N 52  
C "O4'" "C1'"  sing N N 53  
C "C3'" "O3'"  sing N N 54  
C "C3'" "C2'"  sing N N 55  
C "C3'" "H3'"  sing N N 56  
C "O3'" "HO3'" sing N N 57  
C "C2'" "O2'"  sing N N 58  
C "C2'" "C1'"  sing N N 59  
C "C2'" "H2'"  sing N N 60  
C "O2'" "HO2'" sing N N 61  
C "C1'" N1     sing N N 62  
C "C1'" "H1'"  sing N N 63  
C N1    C2     sing N N 64  
C N1    C6     sing N N 65  
C C2    O2     doub N N 66  
C C2    N3     sing N N 67  
C N3    C4     doub N N 68  
C C4    N4     sing N N 69  
C C4    C5     sing N N 70  
C N4    H41    sing N N 71  
C N4    H42    sing N N 72  
C C5    C6     doub N N 73  
C C5    H5     sing N N 74  
C C6    H6     sing N N 75  
G OP3   P      sing N N 76  
G OP3   HOP3   sing N N 77  
G P     OP1    doub N N 78  
G P     OP2    sing N N 79  
G P     "O5'"  sing N N 80  
G OP2   HOP2   sing N N 81  
G "O5'" "C5'"  sing N N 82  
G "C5'" "C4'"  sing N N 83  
G "C5'" "H5'"  sing N N 84  
G "C5'" "H5''" sing N N 85  
G "C4'" "O4'"  sing N N 86  
G "C4'" "C3'"  sing N N 87  
G "C4'" "H4'"  sing N N 88  
G "O4'" "C1'"  sing N N 89  
G "C3'" "O3'"  sing N N 90  
G "C3'" "C2'"  sing N N 91  
G "C3'" "H3'"  sing N N 92  
G "O3'" "HO3'" sing N N 93  
G "C2'" "O2'"  sing N N 94  
G "C2'" "C1'"  sing N N 95  
G "C2'" "H2'"  sing N N 96  
G "O2'" "HO2'" sing N N 97  
G "C1'" N9     sing N N 98  
G "C1'" "H1'"  sing N N 99  
G N9    C8     sing Y N 100 
G N9    C4     sing Y N 101 
G C8    N7     doub Y N 102 
G C8    H8     sing N N 103 
G N7    C5     sing Y N 104 
G C5    C6     sing N N 105 
G C5    C4     doub Y N 106 
G C6    O6     doub N N 107 
G C6    N1     sing N N 108 
G N1    C2     sing N N 109 
G N1    H1     sing N N 110 
G C2    N2     sing N N 111 
G C2    N3     doub N N 112 
G N2    H21    sing N N 113 
G N2    H22    sing N N 114 
G N3    C4     sing N N 115 
U OP3   P      sing N N 116 
U OP3   HOP3   sing N N 117 
U P     OP1    doub N N 118 
U P     OP2    sing N N 119 
U P     "O5'"  sing N N 120 
U OP2   HOP2   sing N N 121 
U "O5'" "C5'"  sing N N 122 
U "C5'" "C4'"  sing N N 123 
U "C5'" "H5'"  sing N N 124 
U "C5'" "H5''" sing N N 125 
U "C4'" "O4'"  sing N N 126 
U "C4'" "C3'"  sing N N 127 
U "C4'" "H4'"  sing N N 128 
U "O4'" "C1'"  sing N N 129 
U "C3'" "O3'"  sing N N 130 
U "C3'" "C2'"  sing N N 131 
U "C3'" "H3'"  sing N N 132 
U "O3'" "HO3'" sing N N 133 
U "C2'" "O2'"  sing N N 134 
U "C2'" "C1'"  sing N N 135 
U "C2'" "H2'"  sing N N 136 
U "O2'" "HO2'" sing N N 137 
U "C1'" N1     sing N N 138 
U "C1'" "H1'"  sing N N 139 
U N1    C2     sing N N 140 
U N1    C6     sing N N 141 
U C2    O2     doub N N 142 
U C2    N3     sing N N 143 
U N3    C4     sing N N 144 
U N3    H3     sing N N 145 
U C4    O4     doub N N 146 
U C4    C5     sing N N 147 
U C5    C6     doub N N 148 
U C5    H5     sing N N 149 
U C6    H6     sing N N 150 
# 
loop_
_ndb_struct_conf_na.entry_id 
_ndb_struct_conf_na.feature 
1HS4 'a-form double helix'  
1HS4 'hairpin loop'         
1HS4 'mismatched base pair' 
# 
loop_
_ndb_struct_na_base_pair.model_number 
_ndb_struct_na_base_pair.i_label_asym_id 
_ndb_struct_na_base_pair.i_label_comp_id 
_ndb_struct_na_base_pair.i_label_seq_id 
_ndb_struct_na_base_pair.i_symmetry 
_ndb_struct_na_base_pair.j_label_asym_id 
_ndb_struct_na_base_pair.j_label_comp_id 
_ndb_struct_na_base_pair.j_label_seq_id 
_ndb_struct_na_base_pair.j_symmetry 
_ndb_struct_na_base_pair.shear 
_ndb_struct_na_base_pair.stretch 
_ndb_struct_na_base_pair.stagger 
_ndb_struct_na_base_pair.buckle 
_ndb_struct_na_base_pair.propeller 
_ndb_struct_na_base_pair.opening 
_ndb_struct_na_base_pair.pair_number 
_ndb_struct_na_base_pair.pair_name 
_ndb_struct_na_base_pair.i_auth_asym_id 
_ndb_struct_na_base_pair.i_auth_seq_id 
_ndb_struct_na_base_pair.i_PDB_ins_code 
_ndb_struct_na_base_pair.j_auth_asym_id 
_ndb_struct_na_base_pair.j_auth_seq_id 
_ndb_struct_na_base_pair.j_PDB_ins_code 
_ndb_struct_na_base_pair.hbond_type_28 
_ndb_struct_na_base_pair.hbond_type_12 
1 A G 1 1_555 A C 12 1_555 -0.536 -0.127 0.096  -7.021 -19.782 -2.104 1 A_G1:C12_A A 1 ? A 12 ? 19 1 
1 A C 2 1_555 A G 11 1_555 -0.334 0.036  0.165  0.051  -16.426 -2.452 2 A_C2:G11_A A 2 ? A 11 ? 19 1 
1 A G 3 1_555 A C 10 1_555 0.120  -0.010 -0.123 -2.792 -21.954 0.642  3 A_G3:C10_A A 3 ? A 10 ? 19 1 
1 A U 4 1_555 A U 9  1_555 2.114  -1.761 0.661  8.221  -19.602 9.277  4 A_U4:U9_A  A 4 ? A 9  ? 16 1 
# 
loop_
_ndb_struct_na_base_pair_step.model_number 
_ndb_struct_na_base_pair_step.i_label_asym_id_1 
_ndb_struct_na_base_pair_step.i_label_comp_id_1 
_ndb_struct_na_base_pair_step.i_label_seq_id_1 
_ndb_struct_na_base_pair_step.i_symmetry_1 
_ndb_struct_na_base_pair_step.j_label_asym_id_1 
_ndb_struct_na_base_pair_step.j_label_comp_id_1 
_ndb_struct_na_base_pair_step.j_label_seq_id_1 
_ndb_struct_na_base_pair_step.j_symmetry_1 
_ndb_struct_na_base_pair_step.i_label_asym_id_2 
_ndb_struct_na_base_pair_step.i_label_comp_id_2 
_ndb_struct_na_base_pair_step.i_label_seq_id_2 
_ndb_struct_na_base_pair_step.i_symmetry_2 
_ndb_struct_na_base_pair_step.j_label_asym_id_2 
_ndb_struct_na_base_pair_step.j_label_comp_id_2 
_ndb_struct_na_base_pair_step.j_label_seq_id_2 
_ndb_struct_na_base_pair_step.j_symmetry_2 
_ndb_struct_na_base_pair_step.shift 
_ndb_struct_na_base_pair_step.slide 
_ndb_struct_na_base_pair_step.rise 
_ndb_struct_na_base_pair_step.tilt 
_ndb_struct_na_base_pair_step.roll 
_ndb_struct_na_base_pair_step.twist 
_ndb_struct_na_base_pair_step.x_displacement 
_ndb_struct_na_base_pair_step.y_displacement 
_ndb_struct_na_base_pair_step.helical_rise 
_ndb_struct_na_base_pair_step.inclination 
_ndb_struct_na_base_pair_step.tip 
_ndb_struct_na_base_pair_step.helical_twist 
_ndb_struct_na_base_pair_step.step_number 
_ndb_struct_na_base_pair_step.step_name 
_ndb_struct_na_base_pair_step.i_auth_asym_id_1 
_ndb_struct_na_base_pair_step.i_auth_seq_id_1 
_ndb_struct_na_base_pair_step.i_PDB_ins_code_1 
_ndb_struct_na_base_pair_step.j_auth_asym_id_1 
_ndb_struct_na_base_pair_step.j_auth_seq_id_1 
_ndb_struct_na_base_pair_step.j_PDB_ins_code_1 
_ndb_struct_na_base_pair_step.i_auth_asym_id_2 
_ndb_struct_na_base_pair_step.i_auth_seq_id_2 
_ndb_struct_na_base_pair_step.i_PDB_ins_code_2 
_ndb_struct_na_base_pair_step.j_auth_asym_id_2 
_ndb_struct_na_base_pair_step.j_auth_seq_id_2 
_ndb_struct_na_base_pair_step.j_PDB_ins_code_2 
1 A G 1 1_555 A C 12 1_555 A C 2 1_555 A G 11 1_555 -0.028 -1.954 2.940 0.439  -0.008 31.679 -3.577 0.124  2.939 -0.015 -0.804 
31.682 1 AA_G1C2:G11C12_AA A 1 ? A 12 ? A 2 ? A 11 ? 
1 A C 2 1_555 A G 11 1_555 A G 3 1_555 A C 10 1_555 0.214  -1.903 3.131 1.428  17.473 29.368 -5.487 -0.182 1.762 31.207 -2.550 
34.103 2 AA_C2G3:C10G11_AA A 2 ? A 11 ? A 3 ? A 10 ? 
1 A G 3 1_555 A C 10 1_555 A U 4 1_555 A U 9  1_555 0.416  -1.589 2.828 -7.557 -0.284 37.754 -2.381 -1.433 2.709 -0.433 11.537 
38.477 3 AA_G3U4:U9C10_AA  A 3 ? A 10 ? A 4 ? A 9  ? 
# 
_pdbx_nmr_spectrometer.spectrometer_id   1 
_pdbx_nmr_spectrometer.type              ? 
_pdbx_nmr_spectrometer.manufacturer      Varian 
_pdbx_nmr_spectrometer.model             INOVA 
_pdbx_nmr_spectrometer.field_strength    500 
# 
_atom_sites.entry_id                    1HS4 
_atom_sites.fract_transf_matrix[1][1]   1.000000 
_atom_sites.fract_transf_matrix[1][2]   0.000000 
_atom_sites.fract_transf_matrix[1][3]   0.000000 
_atom_sites.fract_transf_matrix[2][1]   0.000000 
_atom_sites.fract_transf_matrix[2][2]   1.000000 
_atom_sites.fract_transf_matrix[2][3]   0.000000 
_atom_sites.fract_transf_matrix[3][1]   0.000000 
_atom_sites.fract_transf_matrix[3][2]   0.000000 
_atom_sites.fract_transf_matrix[3][3]   1.000000 
_atom_sites.fract_transf_vector[1]      0.00000 
_atom_sites.fract_transf_vector[2]      0.00000 
_atom_sites.fract_transf_vector[3]      0.00000 
# 
loop_
_atom_type.symbol 
C 
H 
N 
O 
P 
# 
loop_
_atom_site.group_PDB 
_atom_site.id 
_atom_site.type_symbol 
_atom_site.label_atom_id 
_atom_site.label_alt_id 
_atom_site.label_comp_id 
_atom_site.label_asym_id 
_atom_site.label_entity_id 
_atom_site.label_seq_id 
_atom_site.pdbx_PDB_ins_code 
_atom_site.Cartn_x 
_atom_site.Cartn_y 
_atom_site.Cartn_z 
_atom_site.occupancy 
_atom_site.B_iso_or_equiv 
_atom_site.pdbx_formal_charge 
_atom_site.auth_seq_id 
_atom_site.auth_comp_id 
_atom_site.auth_asym_id 
_atom_site.auth_atom_id 
_atom_site.pdbx_PDB_model_num 
ATOM 1   O "O5'"  . G A 1 1  ? -6.904 11.067  -7.828  1.00 0.00 ? 1  G A "O5'"  1 
ATOM 2   C "C5'"  . G A 1 1  ? -5.673 10.551  -7.364  1.00 0.00 ? 1  G A "C5'"  1 
ATOM 3   C "C4'"  . G A 1 1  ? -5.446 10.927  -5.894  1.00 0.00 ? 1  G A "C4'"  1 
ATOM 4   O "O4'"  . G A 1 1  ? -6.365 10.259  -5.041  1.00 0.00 ? 1  G A "O4'"  1 
ATOM 5   C "C3'"  . G A 1 1  ? -4.063 10.512  -5.385  1.00 0.00 ? 1  G A "C3'"  1 
ATOM 6   O "O3'"  . G A 1 1  ? -3.034 11.387  -5.832  1.00 0.00 ? 1  G A "O3'"  1 
ATOM 7   C "C2'"  . G A 1 1  ? -4.314 10.576  -3.878  1.00 0.00 ? 1  G A "C2'"  1 
ATOM 8   O "O2'"  . G A 1 1  ? -4.294 11.911  -3.408  1.00 0.00 ? 1  G A "O2'"  1 
ATOM 9   C "C1'"  . G A 1 1  ? -5.745 10.028  -3.780  1.00 0.00 ? 1  G A "C1'"  1 
ATOM 10  N N9     . G A 1 1  ? -5.721 8.580   -3.449  1.00 0.00 ? 1  G A N9     1 
ATOM 11  C C8     . G A 1 1  ? -5.990 7.489   -4.242  1.00 0.00 ? 1  G A C8     1 
ATOM 12  N N7     . G A 1 1  ? -5.906 6.344   -3.620  1.00 0.00 ? 1  G A N7     1 
ATOM 13  C C5     . G A 1 1  ? -5.545 6.691   -2.325  1.00 0.00 ? 1  G A C5     1 
ATOM 14  C C6     . G A 1 1  ? -5.317 5.867   -1.172  1.00 0.00 ? 1  G A C6     1 
ATOM 15  O O6     . G A 1 1  ? -5.406 4.643   -1.090  1.00 0.00 ? 1  G A O6     1 
ATOM 16  N N1     . G A 1 1  ? -4.952 6.604   -0.037  1.00 0.00 ? 1  G A N1     1 
ATOM 17  C C2     . G A 1 1  ? -4.819 7.990   -0.016  1.00 0.00 ? 1  G A C2     1 
ATOM 18  N N2     . G A 1 1  ? -4.469 8.554   1.146   1.00 0.00 ? 1  G A N2     1 
ATOM 19  N N3     . G A 1 1  ? -5.045 8.762   -1.100  1.00 0.00 ? 1  G A N3     1 
ATOM 20  C C4     . G A 1 1  ? -5.405 8.059   -2.218  1.00 0.00 ? 1  G A C4     1 
ATOM 21  H "H5'"  . G A 1 1  ? -4.872 10.965  -7.977  1.00 0.00 ? 1  G A "H5'"  1 
ATOM 22  H "H5''" . G A 1 1  ? -5.675 9.466   -7.477  1.00 0.00 ? 1  G A "H5''" 1 
ATOM 23  H "H4'"  . G A 1 1  ? -5.568 12.006  -5.762  1.00 0.00 ? 1  G A "H4'"  1 
ATOM 24  H "H3'"  . G A 1 1  ? -3.873 9.479   -5.688  1.00 0.00 ? 1  G A "H3'"  1 
ATOM 25  H "H2'"  . G A 1 1  ? -3.584 9.988   -3.323  1.00 0.00 ? 1  G A "H2'"  1 
ATOM 26  H "HO2'" . G A 1 1  ? -4.484 11.903  -2.467  1.00 0.00 ? 1  G A "HO2'" 1 
ATOM 27  H "H1'"  . G A 1 1  ? -6.313 10.544  -3.002  1.00 0.00 ? 1  G A "H1'"  1 
ATOM 28  H H8     . G A 1 1  ? -6.260 7.567   -5.285  1.00 0.00 ? 1  G A H8     1 
ATOM 29  H H1     . G A 1 1  ? -4.776 6.086   0.811   1.00 0.00 ? 1  G A H1     1 
ATOM 30  H H21    . G A 1 1  ? -4.311 7.982   1.963   1.00 0.00 ? 1  G A H21    1 
ATOM 31  H H22    . G A 1 1  ? -4.362 9.556   1.205   1.00 0.00 ? 1  G A H22    1 
ATOM 32  H "HO5'" . G A 1 1  ? -7.005 10.832  -8.753  1.00 0.00 ? 1  G A "HO5'" 1 
ATOM 33  P P      . C A 1 2  ? -1.466 10.977  -5.795  1.00 0.00 ? 2  C A P      1 
ATOM 34  O OP1    . C A 1 2  ? -0.678 12.148  -6.245  1.00 0.00 ? 2  C A OP1    1 
ATOM 35  O OP2    . C A 1 2  ? -1.319 9.686   -6.503  1.00 0.00 ? 2  C A OP2    1 
ATOM 36  O "O5'"  . C A 1 2  ? -1.141 10.716  -4.231  1.00 0.00 ? 2  C A "O5'"  1 
ATOM 37  C "C5'"  . C A 1 2  ? -0.931 11.765  -3.301  1.00 0.00 ? 2  C A "C5'"  1 
ATOM 38  C "C4'"  . C A 1 2  ? -0.659 11.189  -1.904  1.00 0.00 ? 2  C A "C4'"  1 
ATOM 39  O "O4'"  . C A 1 2  ? -1.722 10.373  -1.438  1.00 0.00 ? 2  C A "O4'"  1 
ATOM 40  C "C3'"  . C A 1 2  ? 0.575  10.289  -1.850  1.00 0.00 ? 2  C A "C3'"  1 
ATOM 41  O "O3'"  . C A 1 2  ? 1.783  11.036  -1.908  1.00 0.00 ? 2  C A "O3'"  1 
ATOM 42  C "C2'"  . C A 1 2  ? 0.330  9.568   -0.522  1.00 0.00 ? 2  C A "C2'"  1 
ATOM 43  O "O2'"  . C A 1 2  ? 0.756  10.346  0.582   1.00 0.00 ? 2  C A "O2'"  1 
ATOM 44  C "C1'"  . C A 1 2  ? -1.203 9.421   -0.513  1.00 0.00 ? 2  C A "C1'"  1 
ATOM 45  N N1     . C A 1 2  ? -1.590 8.014   -0.852  1.00 0.00 ? 2  C A N1     1 
ATOM 46  C C2     . C A 1 2  ? -1.593 7.059   0.184   1.00 0.00 ? 2  C A C2     1 
ATOM 47  O O2     . C A 1 2  ? -1.334 7.377   1.343   1.00 0.00 ? 2  C A O2     1 
ATOM 48  N N3     . C A 1 2  ? -1.885 5.758   -0.125  1.00 0.00 ? 2  C A N3     1 
ATOM 49  C C4     . C A 1 2  ? -2.145 5.375   -1.390  1.00 0.00 ? 2  C A C4     1 
ATOM 50  N N4     . C A 1 2  ? -2.413 4.084   -1.631  1.00 0.00 ? 2  C A N4     1 
ATOM 51  C C5     . C A 1 2  ? -2.119 6.329   -2.475  1.00 0.00 ? 2  C A C5     1 
ATOM 52  C C6     . C A 1 2  ? -1.838 7.620   -2.157  1.00 0.00 ? 2  C A C6     1 
ATOM 53  H "H5'"  . C A 1 2  ? -1.800 12.421  -3.257  1.00 0.00 ? 2  C A "H5'"  1 
ATOM 54  H "H5''" . C A 1 2  ? -0.067 12.359  -3.604  1.00 0.00 ? 2  C A "H5''" 1 
ATOM 55  H "H4'"  . C A 1 2  ? -0.534 12.020  -1.203  1.00 0.00 ? 2  C A "H4'"  1 
ATOM 56  H "H3'"  . C A 1 2  ? 0.525  9.564   -2.667  1.00 0.00 ? 2  C A "H3'"  1 
ATOM 57  H "H2'"  . C A 1 2  ? 0.845  8.609   -0.495  1.00 0.00 ? 2  C A "H2'"  1 
ATOM 58  H "HO2'" . C A 1 2  ? 0.309  11.195  0.553   1.00 0.00 ? 2  C A "HO2'" 1 
ATOM 59  H "H1'"  . C A 1 2  ? -1.609 9.690   0.466   1.00 0.00 ? 2  C A "H1'"  1 
ATOM 60  H H41    . C A 1 2  ? -2.420 3.423   -0.868  1.00 0.00 ? 2  C A H41    1 
ATOM 61  H H42    . C A 1 2  ? -2.610 3.771   -2.571  1.00 0.00 ? 2  C A H42    1 
ATOM 62  H H5     . C A 1 2  ? -2.310 6.063   -3.505  1.00 0.00 ? 2  C A H5     1 
ATOM 63  H H6     . C A 1 2  ? -1.797 8.347   -2.955  1.00 0.00 ? 2  C A H6     1 
ATOM 64  P P      . G A 1 3  ? 3.230  10.333  -2.080  1.00 0.00 ? 3  G A P      1 
ATOM 65  O OP1    . G A 1 3  ? 4.259  11.395  -2.104  1.00 0.00 ? 3  G A OP1    1 
ATOM 66  O OP2    . G A 1 3  ? 3.142  9.371   -3.204  1.00 0.00 ? 3  G A OP2    1 
ATOM 67  O "O5'"  . G A 1 3  ? 3.392  9.511   -0.698  1.00 0.00 ? 3  G A "O5'"  1 
ATOM 68  C "C5'"  . G A 1 3  ? 4.137  8.309   -0.621  1.00 0.00 ? 3  G A "C5'"  1 
ATOM 69  C "C4'"  . G A 1 3  ? 3.999  7.707   0.782   1.00 0.00 ? 3  G A "C4'"  1 
ATOM 70  O "O4'"  . G A 1 3  ? 2.635  7.486   1.123   1.00 0.00 ? 3  G A "O4'"  1 
ATOM 71  C "C3'"  . G A 1 3  ? 4.691  6.344   0.878   1.00 0.00 ? 3  G A "C3'"  1 
ATOM 72  O "O3'"  . G A 1 3  ? 6.077  6.452   1.177   1.00 0.00 ? 3  G A "O3'"  1 
ATOM 73  C "C2'"  . G A 1 3  ? 3.893  5.699   2.008   1.00 0.00 ? 3  G A "C2'"  1 
ATOM 74  O "O2'"  . G A 1 3  ? 4.280  6.211   3.269   1.00 0.00 ? 3  G A "O2'"  1 
ATOM 75  C "C1'"  . G A 1 3  ? 2.478  6.183   1.667   1.00 0.00 ? 3  G A "C1'"  1 
ATOM 76  N N9     . G A 1 3  ? 1.824  5.277   0.685   1.00 0.00 ? 3  G A N9     1 
ATOM 77  C C8     . G A 1 3  ? 1.468  5.506   -0.625  1.00 0.00 ? 3  G A C8     1 
ATOM 78  N N7     . G A 1 3  ? 0.875  4.502   -1.206  1.00 0.00 ? 3  G A N7     1 
ATOM 79  C C5     . G A 1 3  ? 0.824  3.527   -0.219  1.00 0.00 ? 3  G A C5     1 
ATOM 80  C C6     . G A 1 3  ? 0.277  2.201   -0.253  1.00 0.00 ? 3  G A C6     1 
ATOM 81  O O6     . G A 1 3  ? -0.312 1.653   -1.181  1.00 0.00 ? 3  G A O6     1 
ATOM 82  N N1     . G A 1 3  ? 0.472  1.500   0.944   1.00 0.00 ? 3  G A N1     1 
ATOM 83  C C2     . G A 1 3  ? 1.112  2.027   2.062   1.00 0.00 ? 3  G A C2     1 
ATOM 84  N N2     . G A 1 3  ? 1.200  1.241   3.143   1.00 0.00 ? 3  G A N2     1 
ATOM 85  N N3     . G A 1 3  ? 1.605  3.283   2.098   1.00 0.00 ? 3  G A N3     1 
ATOM 86  C C4     . G A 1 3  ? 1.432  3.982   0.934   1.00 0.00 ? 3  G A C4     1 
ATOM 87  H "H5'"  . G A 1 3  ? 5.191  8.511   -0.825  1.00 0.00 ? 3  G A "H5'"  1 
ATOM 88  H "H5''" . G A 1 3  ? 3.766  7.591   -1.354  1.00 0.00 ? 3  G A "H5''" 1 
ATOM 89  H "H4'"  . G A 1 3  ? 4.420  8.390   1.524   1.00 0.00 ? 3  G A "H4'"  1 
ATOM 90  H "H3'"  . G A 1 3  ? 4.513  5.789   -0.047  1.00 0.00 ? 3  G A "H3'"  1 
ATOM 91  H "H2'"  . G A 1 3  ? 3.989  4.616   2.013   1.00 0.00 ? 3  G A "H2'"  1 
ATOM 92  H "HO2'" . G A 1 3  ? 5.219  6.047   3.388   1.00 0.00 ? 3  G A "HO2'" 1 
ATOM 93  H "H1'"  . G A 1 3  ? 1.850  6.233   2.560   1.00 0.00 ? 3  G A "H1'"  1 
ATOM 94  H H8     . G A 1 3  ? 1.651  6.438   -1.139  1.00 0.00 ? 3  G A H8     1 
ATOM 95  H H1     . G A 1 3  ? 0.112  0.559   0.988   1.00 0.00 ? 3  G A H1     1 
ATOM 96  H H21    . G A 1 3  ? 0.824  0.304   3.122   1.00 0.00 ? 3  G A H21    1 
ATOM 97  H H22    . G A 1 3  ? 1.645  1.588   3.980   1.00 0.00 ? 3  G A H22    1 
ATOM 98  P P      . U A 1 4  ? 7.168  5.398   0.614   1.00 0.00 ? 4  U A P      1 
ATOM 99  O OP1    . U A 1 4  ? 8.449  5.647   1.313   1.00 0.00 ? 4  U A OP1    1 
ATOM 100 O OP2    . U A 1 4  ? 7.123  5.448   -0.865  1.00 0.00 ? 4  U A OP2    1 
ATOM 101 O "O5'"  . U A 1 4  ? 6.603  3.953   1.074   1.00 0.00 ? 4  U A "O5'"  1 
ATOM 102 C "C5'"  . U A 1 4  ? 6.712  3.471   2.403   1.00 0.00 ? 4  U A "C5'"  1 
ATOM 103 C "C4'"  . U A 1 4  ? 6.073  2.079   2.515   1.00 0.00 ? 4  U A "C4'"  1 
ATOM 104 O "O4'"  . U A 1 4  ? 4.685  2.100   2.220   1.00 0.00 ? 4  U A "O4'"  1 
ATOM 105 C "C3'"  . U A 1 4  ? 6.661  1.047   1.550   1.00 0.00 ? 4  U A "C3'"  1 
ATOM 106 O "O3'"  . U A 1 4  ? 7.949  0.595   1.946   1.00 0.00 ? 4  U A "O3'"  1 
ATOM 107 C "C2'"  . U A 1 4  ? 5.573  -0.022  1.614   1.00 0.00 ? 4  U A "C2'"  1 
ATOM 108 O "O2'"  . U A 1 4  ? 5.660  -0.786  2.803   1.00 0.00 ? 4  U A "O2'"  1 
ATOM 109 C "C1'"  . U A 1 4  ? 4.305  0.845   1.659   1.00 0.00 ? 4  U A "C1'"  1 
ATOM 110 N N1     . U A 1 4  ? 3.712  0.966   0.290   1.00 0.00 ? 4  U A N1     1 
ATOM 111 C C2     . U A 1 4  ? 2.988  -0.137  -0.194  1.00 0.00 ? 4  U A C2     1 
ATOM 112 O O2     . U A 1 4  ? 2.810  -1.160  0.465   1.00 0.00 ? 4  U A O2     1 
ATOM 113 N N3     . U A 1 4  ? 2.472  -0.027  -1.484  1.00 0.00 ? 4  U A N3     1 
ATOM 114 C C4     . U A 1 4  ? 2.635  1.065   -2.336  1.00 0.00 ? 4  U A C4     1 
ATOM 115 O O4     . U A 1 4  ? 2.135  1.053   -3.458  1.00 0.00 ? 4  U A O4     1 
ATOM 116 C C5     . U A 1 4  ? 3.417  2.157   -1.771  1.00 0.00 ? 4  U A C5     1 
ATOM 117 C C6     . U A 1 4  ? 3.918  2.079   -0.509  1.00 0.00 ? 4  U A C6     1 
ATOM 118 H "H5'"  . U A 1 4  ? 6.218  4.149   3.099   1.00 0.00 ? 4  U A "H5'"  1 
ATOM 119 H "H5''" . U A 1 4  ? 7.765  3.392   2.680   1.00 0.00 ? 4  U A "H5''" 1 
ATOM 120 H "H4'"  . U A 1 4  ? 6.193  1.724   3.542   1.00 0.00 ? 4  U A "H4'"  1 
ATOM 121 H "H3'"  . U A 1 4  ? 6.689  1.471   0.544   1.00 0.00 ? 4  U A "H3'"  1 
ATOM 122 H "H2'"  . U A 1 4  ? 5.608  -0.691  0.754   1.00 0.00 ? 4  U A "H2'"  1 
ATOM 123 H "HO2'" . U A 1 4  ? 4.930  -1.409  2.819   1.00 0.00 ? 4  U A "HO2'" 1 
ATOM 124 H "H1'"  . U A 1 4  ? 3.571  0.398   2.329   1.00 0.00 ? 4  U A "H1'"  1 
ATOM 125 H H3     . U A 1 4  ? 1.941  -0.811  -1.838  1.00 0.00 ? 4  U A H3     1 
ATOM 126 H H5     . U A 1 4  ? 3.596  3.044   -2.361  1.00 0.00 ? 4  U A H5     1 
ATOM 127 H H6     . U A 1 4  ? 4.489  2.916   -0.138  1.00 0.00 ? 4  U A H6     1 
ATOM 128 P P      . U A 1 5  ? 8.896  -0.272  0.959   1.00 0.00 ? 5  U A P      1 
ATOM 129 O OP1    . U A 1 5  ? 10.180 -0.516  1.655   1.00 0.00 ? 5  U A OP1    1 
ATOM 130 O OP2    . U A 1 5  ? 8.903  0.385   -0.368  1.00 0.00 ? 5  U A OP2    1 
ATOM 131 O "O5'"  . U A 1 5  ? 8.122  -1.683  0.804   1.00 0.00 ? 5  U A "O5'"  1 
ATOM 132 C "C5'"  . U A 1 5  ? 8.139  -2.684  1.810   1.00 0.00 ? 5  U A "C5'"  1 
ATOM 133 C "C4'"  . U A 1 5  ? 7.440  -3.955  1.307   1.00 0.00 ? 5  U A "C4'"  1 
ATOM 134 O "O4'"  . U A 1 5  ? 6.065  -3.770  1.018   1.00 0.00 ? 5  U A "O4'"  1 
ATOM 135 C "C3'"  . U A 1 5  ? 8.044  -4.477  0.004   1.00 0.00 ? 5  U A "C3'"  1 
ATOM 136 O "O3'"  . U A 1 5  ? 9.325  -5.046  0.240   1.00 0.00 ? 5  U A "O3'"  1 
ATOM 137 C "C2'"  . U A 1 5  ? 6.956  -5.463  -0.418  1.00 0.00 ? 5  U A "C2'"  1 
ATOM 138 O "O2'"  . U A 1 5  ? 7.068  -6.681  0.295   1.00 0.00 ? 5  U A "O2'"  1 
ATOM 139 C "C1'"  . U A 1 5  ? 5.681  -4.708  0.012   1.00 0.00 ? 5  U A "C1'"  1 
ATOM 140 N N1     . U A 1 5  ? 5.028  -4.033  -1.156  1.00 0.00 ? 5  U A N1     1 
ATOM 141 C C2     . U A 1 5  ? 4.123  -4.780  -1.931  1.00 0.00 ? 5  U A C2     1 
ATOM 142 O O2     . U A 1 5  ? 3.870  -5.962  -1.716  1.00 0.00 ? 5  U A O2     1 
ATOM 143 N N3     . U A 1 5  ? 3.497  -4.109  -2.981  1.00 0.00 ? 5  U A N3     1 
ATOM 144 C C4     . U A 1 5  ? 3.705  -2.777  -3.335  1.00 0.00 ? 5  U A C4     1 
ATOM 145 O O4     . U A 1 5  ? 3.059  -2.271  -4.250  1.00 0.00 ? 5  U A O4     1 
ATOM 146 C C5     . U A 1 5  ? 4.718  -2.098  -2.541  1.00 0.00 ? 5  U A C5     1 
ATOM 147 C C6     . U A 1 5  ? 5.331  -2.726  -1.504  1.00 0.00 ? 5  U A C6     1 
ATOM 148 H "H5'"  . U A 1 5  ? 7.655  -2.333  2.721   1.00 0.00 ? 5  U A "H5'"  1 
ATOM 149 H "H5''" . U A 1 5  ? 9.172  -2.944  2.049   1.00 0.00 ? 5  U A "H5''" 1 
ATOM 150 H "H4'"  . U A 1 5  ? 7.520  -4.724  2.079   1.00 0.00 ? 5  U A "H4'"  1 
ATOM 151 H "H3'"  . U A 1 5  ? 8.085  -3.666  -0.728  1.00 0.00 ? 5  U A "H3'"  1 
ATOM 152 H "H2'"  . U A 1 5  ? 6.993  -5.676  -1.486  1.00 0.00 ? 5  U A "H2'"  1 
ATOM 153 H "HO2'" . U A 1 5  ? 6.340  -7.254  0.039   1.00 0.00 ? 5  U A "HO2'" 1 
ATOM 154 H "H1'"  . U A 1 5  ? 4.971  -5.396  0.479   1.00 0.00 ? 5  U A "H1'"  1 
ATOM 155 H H3     . U A 1 5  ? 2.832  -4.634  -3.533  1.00 0.00 ? 5  U A H3     1 
ATOM 156 H H5     . U A 1 5  ? 4.983  -1.077  -2.777  1.00 0.00 ? 5  U A H5     1 
ATOM 157 H H6     . U A 1 5  ? 6.080  -2.183  -0.950  1.00 0.00 ? 5  U A H6     1 
ATOM 158 P P      . A A 1 6  ? 10.510 -5.016  -0.860  1.00 0.00 ? 6  A A P      1 
ATOM 159 O OP1    . A A 1 6  ? 11.713 -5.622  -0.250  1.00 0.00 ? 6  A A OP1    1 
ATOM 160 O OP2    . A A 1 6  ? 10.586 -3.652  -1.431  1.00 0.00 ? 6  A A OP2    1 
ATOM 161 O "O5'"  . A A 1 6  ? 9.969  -6.022  -1.996  1.00 0.00 ? 6  A A "O5'"  1 
ATOM 162 C "C5'"  . A A 1 6  ? 10.572 -6.096  -3.276  1.00 0.00 ? 6  A A "C5'"  1 
ATOM 163 C "C4'"  . A A 1 6  ? 9.966  -7.256  -4.073  1.00 0.00 ? 6  A A "C4'"  1 
ATOM 164 O "O4'"  . A A 1 6  ? 10.250 -8.504  -3.457  1.00 0.00 ? 6  A A "O4'"  1 
ATOM 165 C "C3'"  . A A 1 6  ? 8.441  -7.195  -4.201  1.00 0.00 ? 6  A A "C3'"  1 
ATOM 166 O "O3'"  . A A 1 6  ? 8.009  -6.273  -5.195  1.00 0.00 ? 6  A A "O3'"  1 
ATOM 167 C "C2'"  . A A 1 6  ? 8.160  -8.650  -4.567  1.00 0.00 ? 6  A A "C2'"  1 
ATOM 168 O "O2'"  . A A 1 6  ? 8.467  -8.907  -5.925  1.00 0.00 ? 6  A A "O2'"  1 
ATOM 169 C "C1'"  . A A 1 6  ? 9.158  -9.390  -3.667  1.00 0.00 ? 6  A A "C1'"  1 
ATOM 170 N N9     . A A 1 6  ? 8.529  -9.775  -2.374  1.00 0.00 ? 6  A A N9     1 
ATOM 171 C C8     . A A 1 6  ? 8.737  -9.276  -1.108  1.00 0.00 ? 6  A A C8     1 
ATOM 172 N N7     . A A 1 6  ? 8.088  -9.904  -0.167  1.00 0.00 ? 6  A A N7     1 
ATOM 173 C C5     . A A 1 6  ? 7.382  -10.888 -0.849  1.00 0.00 ? 6  A A C5     1 
ATOM 174 C C6     . A A 1 6  ? 6.497  -11.921 -0.436  1.00 0.00 ? 6  A A C6     1 
ATOM 175 N N6     . A A 1 6  ? 6.188  -12.148 0.847   1.00 0.00 ? 6  A A N6     1 
ATOM 176 N N1     . A A 1 6  ? 5.939  -12.718 -1.382  1.00 0.00 ? 6  A A N1     1 
ATOM 177 C C2     . A A 1 6  ? 6.249  -12.512 -2.669  1.00 0.00 ? 6  A A C2     1 
ATOM 178 N N3     . A A 1 6  ? 7.077  -11.592 -3.178  1.00 0.00 ? 6  A A N3     1 
ATOM 179 C C4     . A A 1 6  ? 7.623  -10.798 -2.204  1.00 0.00 ? 6  A A C4     1 
ATOM 180 H "H5'"  . A A 1 6  ? 11.648 -6.261  -3.181  1.00 0.00 ? 6  A A "H5'"  1 
ATOM 181 H "H5''" . A A 1 6  ? 10.403 -5.163  -3.816  1.00 0.00 ? 6  A A "H5''" 1 
ATOM 182 H "H4'"  . A A 1 6  ? 10.414 -7.268  -5.070  1.00 0.00 ? 6  A A "H4'"  1 
ATOM 183 H "H3'"  . A A 1 6  ? 8.000  -6.981  -3.226  1.00 0.00 ? 6  A A "H3'"  1 
ATOM 184 H "H2'"  . A A 1 6  ? 7.127  -8.926  -4.370  1.00 0.00 ? 6  A A "H2'"  1 
ATOM 185 H "HO2'" . A A 1 6  ? 7.997  -8.270  -6.469  1.00 0.00 ? 6  A A "HO2'" 1 
ATOM 186 H "H1'"  . A A 1 6  ? 9.524  -10.297 -4.151  1.00 0.00 ? 6  A A "H1'"  1 
ATOM 187 H H8     . A A 1 6  ? 9.398  -8.448  -0.897  1.00 0.00 ? 6  A A H8     1 
ATOM 188 H H61    . A A 1 6  ? 5.552  -12.894 1.088   1.00 0.00 ? 6  A A H61    1 
ATOM 189 H H62    . A A 1 6  ? 6.587  -11.570 1.573   1.00 0.00 ? 6  A A H62    1 
ATOM 190 H H2     . A A 1 6  ? 5.779  -13.172 -3.382  1.00 0.00 ? 6  A A H2     1 
ATOM 191 P P      . A A 1 7  ? 6.570  -5.529  -5.123  1.00 0.00 ? 7  A A P      1 
ATOM 192 O OP1    . A A 1 7  ? 6.350  -4.830  -6.410  1.00 0.00 ? 7  A A OP1    1 
ATOM 193 O OP2    . A A 1 7  ? 6.526  -4.757  -3.863  1.00 0.00 ? 7  A A OP2    1 
ATOM 194 O "O5'"  . A A 1 7  ? 5.500  -6.739  -5.010  1.00 0.00 ? 7  A A "O5'"  1 
ATOM 195 C "C5'"  . A A 1 7  ? 5.128  -7.527  -6.129  1.00 0.00 ? 7  A A "C5'"  1 
ATOM 196 C "C4'"  . A A 1 7  ? 4.178  -8.658  -5.713  1.00 0.00 ? 7  A A "C4'"  1 
ATOM 197 O "O4'"  . A A 1 7  ? 4.777  -9.577  -4.816  1.00 0.00 ? 7  A A "O4'"  1 
ATOM 198 C "C3'"  . A A 1 7  ? 2.902  -8.167  -5.031  1.00 0.00 ? 7  A A "C3'"  1 
ATOM 199 O "O3'"  . A A 1 7  ? 1.982  -7.692  -6.005  1.00 0.00 ? 7  A A "O3'"  1 
ATOM 200 C "C2'"  . A A 1 7  ? 2.447  -9.456  -4.350  1.00 0.00 ? 7  A A "C2'"  1 
ATOM 201 O "O2'"  . A A 1 7  ? 1.793  -10.321 -5.261  1.00 0.00 ? 7  A A "O2'"  1 
ATOM 202 C "C1'"  . A A 1 7  ? 3.791  -10.068 -3.919  1.00 0.00 ? 7  A A "C1'"  1 
ATOM 203 N N9     . A A 1 7  ? 4.129  -9.678  -2.525  1.00 0.00 ? 7  A A N9     1 
ATOM 204 C C8     . A A 1 7  ? 4.971  -8.690  -2.068  1.00 0.00 ? 7  A A C8     1 
ATOM 205 N N7     . A A 1 7  ? 5.022  -8.583  -0.770  1.00 0.00 ? 7  A A N7     1 
ATOM 206 C C5     . A A 1 7  ? 4.166  -9.577  -0.321  1.00 0.00 ? 7  A A C5     1 
ATOM 207 C C6     . A A 1 7  ? 3.781  -10.023 0.973   1.00 0.00 ? 7  A A C6     1 
ATOM 208 N N6     . A A 1 7  ? 4.242  -9.467  2.101   1.00 0.00 ? 7  A A N6     1 
ATOM 209 N N1     . A A 1 7  ? 2.933  -11.078 1.073   1.00 0.00 ? 7  A A N1     1 
ATOM 210 C C2     . A A 1 7  ? 2.484  -11.658 -0.047  1.00 0.00 ? 7  A A C2     1 
ATOM 211 N N3     . A A 1 7  ? 2.761  -11.325 -1.314  1.00 0.00 ? 7  A A N3     1 
ATOM 212 C C4     . A A 1 7  ? 3.624  -10.262 -1.388  1.00 0.00 ? 7  A A C4     1 
ATOM 213 H "H5'"  . A A 1 7  ? 6.006  -7.964  -6.603  1.00 0.00 ? 7  A A "H5'"  1 
ATOM 214 H "H5''" . A A 1 7  ? 4.616  -6.899  -6.862  1.00 0.00 ? 7  A A "H5''" 1 
ATOM 215 H "H4'"  . A A 1 7  ? 3.909  -9.225  -6.609  1.00 0.00 ? 7  A A "H4'"  1 
ATOM 216 H "H3'"  . A A 1 7  ? 3.136  -7.434  -4.255  1.00 0.00 ? 7  A A "H3'"  1 
ATOM 217 H "H2'"  . A A 1 7  ? 1.778  -9.255  -3.512  1.00 0.00 ? 7  A A "H2'"  1 
ATOM 218 H "HO2'" . A A 1 7  ? 1.014  -9.871  -5.597  1.00 0.00 ? 7  A A "HO2'" 1 
ATOM 219 H "H1'"  . A A 1 7  ? 3.765  -11.158 -3.980  1.00 0.00 ? 7  A A "H1'"  1 
ATOM 220 H H8     . A A 1 7  ? 5.539  -8.044  -2.718  1.00 0.00 ? 7  A A H8     1 
ATOM 221 H H61    . A A 1 7  ? 3.952  -9.832  2.997   1.00 0.00 ? 7  A A H61    1 
ATOM 222 H H62    . A A 1 7  ? 4.887  -8.691  2.054   1.00 0.00 ? 7  A A H62    1 
ATOM 223 H H2     . A A 1 7  ? 1.810  -12.491 0.087   1.00 0.00 ? 7  A A H2     1 
ATOM 224 P P      . A A 1 8  ? 1.379  -6.190  -6.009  1.00 0.00 ? 8  A A P      1 
ATOM 225 O OP1    . A A 1 8  ? 0.887  -5.900  -7.375  1.00 0.00 ? 8  A A OP1    1 
ATOM 226 O OP2    . A A 1 8  ? 2.351  -5.273  -5.372  1.00 0.00 ? 8  A A OP2    1 
ATOM 227 O "O5'"  . A A 1 8  ? 0.095  -6.320  -5.042  1.00 0.00 ? 8  A A "O5'"  1 
ATOM 228 C "C5'"  . A A 1 8  ? -0.910 -7.295  -5.262  1.00 0.00 ? 8  A A "C5'"  1 
ATOM 229 C "C4'"  . A A 1 8  ? -2.262 -6.787  -4.738  1.00 0.00 ? 8  A A "C4'"  1 
ATOM 230 O "O4'"  . A A 1 8  ? -2.572 -5.567  -5.397  1.00 0.00 ? 8  A A "O4'"  1 
ATOM 231 C "C3'"  . A A 1 8  ? -3.417 -7.760  -5.018  1.00 0.00 ? 8  A A "C3'"  1 
ATOM 232 O "O3'"  . A A 1 8  ? -3.700 -8.684  -3.969  1.00 0.00 ? 8  A A "O3'"  1 
ATOM 233 C "C2'"  . A A 1 8  ? -4.591 -6.790  -5.196  1.00 0.00 ? 8  A A "C2'"  1 
ATOM 234 O "O2'"  . A A 1 8  ? -5.150 -6.439  -3.942  1.00 0.00 ? 8  A A "O2'"  1 
ATOM 235 C "C1'"  . A A 1 8  ? -3.926 -5.551  -5.808  1.00 0.00 ? 8  A A "C1'"  1 
ATOM 236 N N9     . A A 1 8  ? -3.996 -5.541  -7.296  1.00 0.00 ? 8  A A N9     1 
ATOM 237 C C8     . A A 1 8  ? -3.315 -6.317  -8.207  1.00 0.00 ? 8  A A C8     1 
ATOM 238 N N7     . A A 1 8  ? -3.546 -6.018  -9.455  1.00 0.00 ? 8  A A N7     1 
ATOM 239 C C5     . A A 1 8  ? -4.452 -4.967  -9.382  1.00 0.00 ? 8  A A C5     1 
ATOM 240 C C6     . A A 1 8  ? -5.103 -4.171  -10.364 1.00 0.00 ? 8  A A C6     1 
ATOM 241 N N6     . A A 1 8  ? -4.925 -4.340  -11.682 1.00 0.00 ? 8  A A N6     1 
ATOM 242 N N1     . A A 1 8  ? -5.948 -3.190  -9.952  1.00 0.00 ? 8  A A N1     1 
ATOM 243 C C2     . A A 1 8  ? -6.140 -3.009  -8.638  1.00 0.00 ? 8  A A C2     1 
ATOM 244 N N3     . A A 1 8  ? -5.589 -3.691  -7.625  1.00 0.00 ? 8  A A N3     1 
ATOM 245 C C4     . A A 1 8  ? -4.740 -4.673  -8.065  1.00 0.00 ? 8  A A C4     1 
ATOM 246 H "H5'"  . A A 1 8  ? -0.609 -8.208  -4.753  1.00 0.00 ? 8  A A "H5'"  1 
ATOM 247 H "H5''" . A A 1 8  ? -1.015 -7.518  -6.325  1.00 0.00 ? 8  A A "H5''" 1 
ATOM 248 H "H4'"  . A A 1 8  ? -2.221 -6.583  -3.669  1.00 0.00 ? 8  A A "H4'"  1 
ATOM 249 H "H3'"  . A A 1 8  ? -3.257 -8.290  -5.960  1.00 0.00 ? 8  A A "H3'"  1 
ATOM 250 H "H2'"  . A A 1 8  ? -5.374 -7.210  -5.830  1.00 0.00 ? 8  A A "H2'"  1 
ATOM 251 H "HO2'" . A A 1 8  ? -5.457 -7.242  -3.514  1.00 0.00 ? 8  A A "HO2'" 1 
ATOM 252 H "H1'"  . A A 1 8  ? -4.387 -4.639  -5.424  1.00 0.00 ? 8  A A "H1'"  1 
ATOM 253 H H8     . A A 1 8  ? -2.628 -7.097  -7.926  1.00 0.00 ? 8  A A H8     1 
ATOM 254 H H61    . A A 1 8  ? -5.415 -3.750  -12.340 1.00 0.00 ? 8  A A H61    1 
ATOM 255 H H62    . A A 1 8  ? -4.304 -5.062  -12.019 1.00 0.00 ? 8  A A H62    1 
ATOM 256 H H2     . A A 1 8  ? -6.816 -2.214  -8.361  1.00 0.00 ? 8  A A H2     1 
ATOM 257 P P      . U A 1 9  ? -2.703 -9.873  -3.509  1.00 0.00 ? 9  U A P      1 
ATOM 258 O OP1    . U A 1 9  ? -1.968 -10.368 -4.696  1.00 0.00 ? 9  U A OP1    1 
ATOM 259 O OP2    . U A 1 9  ? -3.503 -10.823 -2.703  1.00 0.00 ? 9  U A OP2    1 
ATOM 260 O "O5'"  . U A 1 9  ? -1.648 -9.151  -2.511  1.00 0.00 ? 9  U A "O5'"  1 
ATOM 261 C "C5'"  . U A 1 9  ? -0.749 -9.908  -1.713  1.00 0.00 ? 9  U A "C5'"  1 
ATOM 262 C "C4'"  . U A 1 9  ? -0.015 -9.043  -0.677  1.00 0.00 ? 9  U A "C4'"  1 
ATOM 263 O "O4'"  . U A 1 9  ? 0.889  -8.111  -1.249  1.00 0.00 ? 9  U A "O4'"  1 
ATOM 264 C "C3'"  . U A 1 9  ? -0.936 -8.188  0.190   1.00 0.00 ? 9  U A "C3'"  1 
ATOM 265 O "O3'"  . U A 1 9  ? -1.696 -8.948  1.123   1.00 0.00 ? 9  U A "O3'"  1 
ATOM 266 C "C2'"  . U A 1 9  ? 0.106  -7.277  0.837   1.00 0.00 ? 9  U A "C2'"  1 
ATOM 267 O "O2'"  . U A 1 9  ? 0.759  -7.914  1.919   1.00 0.00 ? 9  U A "O2'"  1 
ATOM 268 C "C1'"  . U A 1 9  ? 1.108  -7.058  -0.309  1.00 0.00 ? 9  U A "C1'"  1 
ATOM 269 N N1     . U A 1 9  ? 0.911  -5.693  -0.890  1.00 0.00 ? 9  U A N1     1 
ATOM 270 C C2     . U A 1 9  ? 1.476  -4.598  -0.212  1.00 0.00 ? 9  U A C2     1 
ATOM 271 O O2     . U A 1 9  ? 2.138  -4.714  0.818   1.00 0.00 ? 9  U A O2     1 
ATOM 272 N N3     . U A 1 9  ? 1.259  -3.339  -0.775  1.00 0.00 ? 9  U A N3     1 
ATOM 273 C C4     . U A 1 9  ? 0.512  -3.080  -1.926  1.00 0.00 ? 9  U A C4     1 
ATOM 274 O O4     . U A 1 9  ? 0.402  -1.932  -2.350  1.00 0.00 ? 9  U A O4     1 
ATOM 275 C C5     . U A 1 9  ? -0.094 -4.258  -2.527  1.00 0.00 ? 9  U A C5     1 
ATOM 276 C C6     . U A 1 9  ? 0.117  -5.496  -2.003  1.00 0.00 ? 9  U A C6     1 
ATOM 277 H "H5'"  . U A 1 9  ? -0.022 -10.415 -2.350  1.00 0.00 ? 9  U A "H5'"  1 
ATOM 278 H "H5''" . U A 1 9  ? -1.308 -10.665 -1.160  1.00 0.00 ? 9  U A "H5''" 1 
ATOM 279 H "H4'"  . U A 1 9  ? 0.557  -9.709  -0.029  1.00 0.00 ? 9  U A "H4'"  1 
ATOM 280 H "H3'"  . U A 1 9  ? -1.588 -7.595  -0.458  1.00 0.00 ? 9  U A "H3'"  1 
ATOM 281 H "H2'"  . U A 1 9  ? -0.352 -6.353  1.178   1.00 0.00 ? 9  U A "H2'"  1 
ATOM 282 H "HO2'" . U A 1 9  ? 1.383  -7.293  2.305   1.00 0.00 ? 9  U A "HO2'" 1 
ATOM 283 H "H1'"  . U A 1 9  ? 2.135  -7.158  0.052   1.00 0.00 ? 9  U A "H1'"  1 
ATOM 284 H H3     . U A 1 9  ? 1.674  -2.548  -0.307  1.00 0.00 ? 9  U A H3     1 
ATOM 285 H H5     . U A 1 9  ? -0.721 -4.147  -3.401  1.00 0.00 ? 9  U A H5     1 
ATOM 286 H H6     . U A 1 9  ? -0.358 -6.344  -2.466  1.00 0.00 ? 9  U A H6     1 
ATOM 287 P P      . C A 1 10 ? -2.963 -8.323  1.922   1.00 0.00 ? 10 C A P      1 
ATOM 288 O OP1    . C A 1 10 ? -3.490 -9.368  2.827   1.00 0.00 ? 10 C A OP1    1 
ATOM 289 O OP2    . C A 1 10 ? -3.865 -7.699  0.928   1.00 0.00 ? 10 C A OP2    1 
ATOM 290 O "O5'"  . C A 1 10 ? -2.328 -7.139  2.825   1.00 0.00 ? 10 C A "O5'"  1 
ATOM 291 C "C5'"  . C A 1 10 ? -1.645 -7.388  4.043   1.00 0.00 ? 10 C A "C5'"  1 
ATOM 292 C "C4'"  . C A 1 10 ? -0.944 -6.114  4.542   1.00 0.00 ? 10 C A "C4'"  1 
ATOM 293 O "O4'"  . C A 1 10 ? -0.071 -5.578  3.558   1.00 0.00 ? 10 C A "O4'"  1 
ATOM 294 C "C3'"  . C A 1 10 ? -1.883 -4.959  4.901   1.00 0.00 ? 10 C A "C3'"  1 
ATOM 295 O "O3'"  . C A 1 10 ? -2.563 -5.144  6.136   1.00 0.00 ? 10 C A "O3'"  1 
ATOM 296 C "C2'"  . C A 1 10 ? -0.875 -3.806  4.916   1.00 0.00 ? 10 C A "C2'"  1 
ATOM 297 O "O2'"  . C A 1 10 ? -0.120 -3.779  6.113   1.00 0.00 ? 10 C A "O2'"  1 
ATOM 298 C "C1'"  . C A 1 10 ? 0.037  -4.170  3.733   1.00 0.00 ? 10 C A "C1'"  1 
ATOM 299 N N1     . C A 1 10 ? -0.376 -3.391  2.519   1.00 0.00 ? 10 C A N1     1 
ATOM 300 C C2     . C A 1 10 ? 0.201  -2.122  2.319   1.00 0.00 ? 10 C A C2     1 
ATOM 301 O O2     . C A 1 10 ? 1.118  -1.717  3.031   1.00 0.00 ? 10 C A O2     1 
ATOM 302 N N3     . C A 1 10 ? -0.288 -1.330  1.314   1.00 0.00 ? 10 C A N3     1 
ATOM 303 C C4     . C A 1 10 ? -1.302 -1.733  0.525   1.00 0.00 ? 10 C A C4     1 
ATOM 304 N N4     . C A 1 10 ? -1.764 -0.893  -0.410  1.00 0.00 ? 10 C A N4     1 
ATOM 305 C C5     . C A 1 10 ? -1.904 -3.034  0.701   1.00 0.00 ? 10 C A C5     1 
ATOM 306 C C6     . C A 1 10 ? -1.413 -3.812  1.702   1.00 0.00 ? 10 C A C6     1 
ATOM 307 H "H5'"  . C A 1 10 ? -0.893 -8.166  3.905   1.00 0.00 ? 10 C A "H5'"  1 
ATOM 308 H "H5''" . C A 1 10 ? -2.354 -7.726  4.798   1.00 0.00 ? 10 C A "H5''" 1 
ATOM 309 H "H4'"  . C A 1 10 ? -0.350 -6.377  5.419   1.00 0.00 ? 10 C A "H4'"  1 
ATOM 310 H "H3'"  . C A 1 10 ? -2.597 -4.819  4.087   1.00 0.00 ? 10 C A "H3'"  1 
ATOM 311 H "H2'"  . C A 1 10 ? -1.363 -2.843  4.789   1.00 0.00 ? 10 C A "H2'"  1 
ATOM 312 H "HO2'" . C A 1 10 ? 0.354  -4.610  6.200   1.00 0.00 ? 10 C A "HO2'" 1 
ATOM 313 H "H1'"  . C A 1 10 ? 1.082  -3.968  3.976   1.00 0.00 ? 10 C A "H1'"  1 
ATOM 314 H H41    . C A 1 10 ? -1.349 0.021   -0.514  1.00 0.00 ? 10 C A H41    1 
ATOM 315 H H42    . C A 1 10 ? -2.526 -1.172  -1.011  1.00 0.00 ? 10 C A H42    1 
ATOM 316 H H5     . C A 1 10 ? -2.715 -3.402  0.088   1.00 0.00 ? 10 C A H5     1 
ATOM 317 H H6     . C A 1 10 ? -1.873 -4.773  1.866   1.00 0.00 ? 10 C A H6     1 
ATOM 318 P P      . G A 1 11 ? -3.852 -4.250  6.559   1.00 0.00 ? 11 G A P      1 
ATOM 319 O OP1    . G A 1 11 ? -4.312 -4.717  7.887   1.00 0.00 ? 11 G A OP1    1 
ATOM 320 O OP2    . G A 1 11 ? -4.800 -4.246  5.422   1.00 0.00 ? 11 G A OP2    1 
ATOM 321 O "O5'"  . G A 1 11 ? -3.274 -2.746  6.721   1.00 0.00 ? 11 G A "O5'"  1 
ATOM 322 C "C5'"  . G A 1 11 ? -2.529 -2.333  7.855   1.00 0.00 ? 11 G A "C5'"  1 
ATOM 323 C "C4'"  . G A 1 11 ? -1.995 -0.909  7.654   1.00 0.00 ? 11 G A "C4'"  1 
ATOM 324 O "O4'"  . G A 1 11 ? -1.238 -0.789  6.458   1.00 0.00 ? 11 G A "O4'"  1 
ATOM 325 C "C3'"  . G A 1 11 ? -3.082 0.163   7.542   1.00 0.00 ? 11 G A "C3'"  1 
ATOM 326 O "O3'"  . G A 1 11 ? -3.678 0.480   8.793   1.00 0.00 ? 11 G A "O3'"  1 
ATOM 327 C "C2'"  . G A 1 11 ? -2.250 1.302   6.952   1.00 0.00 ? 11 G A "C2'"  1 
ATOM 328 O "O2'"  . G A 1 11 ? -1.444 1.927   7.934   1.00 0.00 ? 11 G A "O2'"  1 
ATOM 329 C "C1'"  . G A 1 11 ? -1.357 0.541   5.963   1.00 0.00 ? 11 G A "C1'"  1 
ATOM 330 N N9     . G A 1 11 ? -1.958 0.578   4.603   1.00 0.00 ? 11 G A N9     1 
ATOM 331 C C8     . G A 1 11 ? -2.686 -0.376  3.929   1.00 0.00 ? 11 G A C8     1 
ATOM 332 N N7     . G A 1 11 ? -3.044 -0.026  2.725   1.00 0.00 ? 11 G A N7     1 
ATOM 333 C C5     . G A 1 11 ? -2.544 1.263   2.588   1.00 0.00 ? 11 G A C5     1 
ATOM 334 C C6     . G A 1 11 ? -2.626 2.177   1.484   1.00 0.00 ? 11 G A C6     1 
ATOM 335 O O6     . G A 1 11 ? -3.125 1.981   0.380   1.00 0.00 ? 11 G A O6     1 
ATOM 336 N N1     . G A 1 11 ? -2.047 3.425   1.764   1.00 0.00 ? 11 G A N1     1 
ATOM 337 C C2     . G A 1 11 ? -1.457 3.753   2.982   1.00 0.00 ? 11 G A C2     1 
ATOM 338 N N2     . G A 1 11 ? -0.945 4.984   3.105   1.00 0.00 ? 11 G A N2     1 
ATOM 339 N N3     . G A 1 11 ? -1.370 2.884   4.012   1.00 0.00 ? 11 G A N3     1 
ATOM 340 C C4     . G A 1 11 ? -1.925 1.660   3.756   1.00 0.00 ? 11 G A C4     1 
ATOM 341 H "H5'"  . G A 1 11 ? -1.689 -3.006  8.024   1.00 0.00 ? 11 G A "H5'"  1 
ATOM 342 H "H5''" . G A 1 11 ? -3.166 -2.349  8.742   1.00 0.00 ? 11 G A "H5''" 1 
ATOM 343 H "H4'"  . G A 1 11 ? -1.340 -0.666  8.493   1.00 0.00 ? 11 G A "H4'"  1 
ATOM 344 H "H3'"  . G A 1 11 ? -3.830 -0.164  6.816   1.00 0.00 ? 11 G A "H3'"  1 
ATOM 345 H "H2'"  . G A 1 11 ? -2.874 2.053   6.469   1.00 0.00 ? 11 G A "H2'"  1 
ATOM 346 H "HO2'" . G A 1 11 ? -0.927 2.617   7.509   1.00 0.00 ? 11 G A "HO2'" 1 
ATOM 347 H "H1'"  . G A 1 11 ? -0.362 0.988   5.909   1.00 0.00 ? 11 G A "H1'"  1 
ATOM 348 H H8     . G A 1 11 ? -2.946 -1.335  4.349   1.00 0.00 ? 11 G A H8     1 
ATOM 349 H H1     . G A 1 11 ? -2.072 4.119   1.032   1.00 0.00 ? 11 G A H1     1 
ATOM 350 H H21    . G A 1 11 ? -0.999 5.638   2.336   1.00 0.00 ? 11 G A H21    1 
ATOM 351 H H22    . G A 1 11 ? -0.504 5.259   3.971   1.00 0.00 ? 11 G A H22    1 
ATOM 352 P P      . C A 1 12 ? -5.079 1.292   8.909   1.00 0.00 ? 12 C A P      1 
ATOM 353 O OP1    . C A 1 12 ? -5.376 1.482   10.346  1.00 0.00 ? 12 C A OP1    1 
ATOM 354 O OP2    . C A 1 12 ? -6.071 0.612   8.047   1.00 0.00 ? 12 C A OP2    1 
ATOM 355 O "O5'"  . C A 1 12 ? -4.772 2.741   8.256   1.00 0.00 ? 12 C A "O5'"  1 
ATOM 356 C "C5'"  . C A 1 12 ? -4.049 3.755   8.934   1.00 0.00 ? 12 C A "C5'"  1 
ATOM 357 C "C4'"  . C A 1 12 ? -3.832 4.966   8.013   1.00 0.00 ? 12 C A "C4'"  1 
ATOM 358 O "O4'"  . C A 1 12 ? -3.128 4.628   6.824   1.00 0.00 ? 12 C A "O4'"  1 
ATOM 359 C "C3'"  . C A 1 12 ? -5.122 5.625   7.522   1.00 0.00 ? 12 C A "C3'"  1 
ATOM 360 O "O3'"  . C A 1 12 ? -5.783 6.379   8.528   1.00 0.00 ? 12 C A "O3'"  1 
ATOM 361 C "C2'"  . C A 1 12 ? -4.554 6.478   6.388   1.00 0.00 ? 12 C A "C2'"  1 
ATOM 362 O "O2'"  . C A 1 12 ? -3.876 7.615   6.890   1.00 0.00 ? 12 C A "O2'"  1 
ATOM 363 C "C1'"  . C A 1 12 ? -3.538 5.502   5.772   1.00 0.00 ? 12 C A "C1'"  1 
ATOM 364 N N1     . C A 1 12 ? -4.164 4.781   4.616   1.00 0.00 ? 12 C A N1     1 
ATOM 365 C C2     . C A 1 12 ? -4.212 5.443   3.374   1.00 0.00 ? 12 C A C2     1 
ATOM 366 O O2     . C A 1 12 ? -3.726 6.564   3.231   1.00 0.00 ? 12 C A O2     1 
ATOM 367 N N3     . C A 1 12 ? -4.815 4.815   2.317   1.00 0.00 ? 12 C A N3     1 
ATOM 368 C C4     . C A 1 12 ? -5.373 3.596   2.447   1.00 0.00 ? 12 C A C4     1 
ATOM 369 N N4     . C A 1 12 ? -5.955 3.037   1.378   1.00 0.00 ? 12 C A N4     1 
ATOM 370 C C5     . C A 1 12 ? -5.361 2.906   3.715   1.00 0.00 ? 12 C A C5     1 
ATOM 371 C C6     . C A 1 12 ? -4.755 3.537   4.755   1.00 0.00 ? 12 C A C6     1 
ATOM 372 H "H5'"  . C A 1 12 ? -3.079 3.381   9.262   1.00 0.00 ? 12 C A "H5'"  1 
ATOM 373 H "H5''" . C A 1 12 ? -4.608 4.079   9.813   1.00 0.00 ? 12 C A "H5''" 1 
ATOM 374 H "H4'"  . C A 1 12 ? -3.236 5.703   8.558   1.00 0.00 ? 12 C A "H4'"  1 
ATOM 375 H "H3'"  . C A 1 12 ? -5.779 4.855   7.111   1.00 0.00 ? 12 C A "H3'"  1 
ATOM 376 H "H2'"  . C A 1 12 ? -5.321 6.802   5.689   1.00 0.00 ? 12 C A "H2'"  1 
ATOM 377 H "HO2'" . C A 1 12 ? -4.457 8.066   7.507   1.00 0.00 ? 12 C A "HO2'" 1 
ATOM 378 H "H1'"  . C A 1 12 ? -2.646 6.035   5.431   1.00 0.00 ? 12 C A "H1'"  1 
ATOM 379 H H41    . C A 1 12 ? -5.964 3.532   0.498   1.00 0.00 ? 12 C A H41    1 
ATOM 380 H H42    . C A 1 12 ? -6.379 2.123   1.448   1.00 0.00 ? 12 C A H42    1 
ATOM 381 H H5     . C A 1 12 ? -5.805 1.932   3.867   1.00 0.00 ? 12 C A H5     1 
ATOM 382 H H6     . C A 1 12 ? -4.759 3.044   5.712   1.00 0.00 ? 12 C A H6     1 
ATOM 383 P P      . A A 1 13 ? -7.356 6.761   8.427   1.00 0.00 ? 13 A A P      1 
ATOM 384 O OP1    . A A 1 13 ? -7.711 7.544   9.632   1.00 0.00 ? 13 A A OP1    1 
ATOM 385 O OP2    . A A 1 13 ? -8.106 5.524   8.117   1.00 0.00 ? 13 A A OP2    1 
ATOM 386 O "O5'"  . A A 1 13 ? -7.458 7.735   7.136   1.00 0.00 ? 13 A A "O5'"  1 
ATOM 387 C "C5'"  . A A 1 13 ? -7.101 9.107   7.188   1.00 0.00 ? 13 A A "C5'"  1 
ATOM 388 C "C4'"  . A A 1 13 ? -7.293 9.766   5.815   1.00 0.00 ? 13 A A "C4'"  1 
ATOM 389 O "O4'"  . A A 1 13 ? -6.508 9.147   4.807   1.00 0.00 ? 13 A A "O4'"  1 
ATOM 390 C "C3'"  . A A 1 13 ? -8.729 9.712   5.291   1.00 0.00 ? 13 A A "C3'"  1 
ATOM 391 O "O3'"  . A A 1 13 ? -9.594 10.632  5.928   1.00 0.00 ? 13 A A "O3'"  1 
ATOM 392 C "C2'"  . A A 1 13 ? -8.491 10.031  3.816   1.00 0.00 ? 13 A A "C2'"  1 
ATOM 393 O "O2'"  . A A 1 13 ? -8.296 11.420  3.616   1.00 0.00 ? 13 A A "O2'"  1 
ATOM 394 C "C1'"  . A A 1 13 ? -7.176 9.277   3.556   1.00 0.00 ? 13 A A "C1'"  1 
ATOM 395 N N9     . A A 1 13 ? -7.454 7.942   2.962   1.00 0.00 ? 13 A A N9     1 
ATOM 396 C C8     . A A 1 13 ? -7.503 6.705   3.563   1.00 0.00 ? 13 A A C8     1 
ATOM 397 N N7     . A A 1 13 ? -7.803 5.725   2.755   1.00 0.00 ? 13 A A N7     1 
ATOM 398 C C5     . A A 1 13 ? -7.982 6.349   1.527   1.00 0.00 ? 13 A A C5     1 
ATOM 399 C C6     . A A 1 13 ? -8.332 5.876   0.233   1.00 0.00 ? 13 A A C6     1 
ATOM 400 N N6     . A A 1 13 ? -8.532 4.580   -0.041  1.00 0.00 ? 13 A A N6     1 
ATOM 401 N N1     . A A 1 13 ? -8.472 6.776   -0.774  1.00 0.00 ? 13 A A N1     1 
ATOM 402 C C2     . A A 1 13 ? -8.270 8.074   -0.516  1.00 0.00 ? 13 A A C2     1 
ATOM 403 N N3     . A A 1 13 ? -7.927 8.637   0.649   1.00 0.00 ? 13 A A N3     1 
ATOM 404 C C4     . A A 1 13 ? -7.793 7.710   1.648   1.00 0.00 ? 13 A A C4     1 
ATOM 405 H "H5'"  . A A 1 13 ? -6.061 9.220   7.494   1.00 0.00 ? 13 A A "H5'"  1 
ATOM 406 H "H5''" . A A 1 13 ? -7.734 9.625   7.911   1.00 0.00 ? 13 A A "H5''" 1 
ATOM 407 H "H4'"  . A A 1 13 ? -6.979 10.810  5.888   1.00 0.00 ? 13 A A "H4'"  1 
ATOM 408 H "H3'"  . A A 1 13 ? -9.137 8.703   5.381   1.00 0.00 ? 13 A A "H3'"  1 
ATOM 409 H "HO3'" . A A 1 13 ? -9.669 10.390  6.853   1.00 0.00 ? 13 A A "HO3'" 1 
ATOM 410 H "H2'"  . A A 1 13 ? -9.319 9.695   3.188   1.00 0.00 ? 13 A A "H2'"  1 
ATOM 411 H "HO2'" . A A 1 13 ? -8.088 11.570  2.691   1.00 0.00 ? 13 A A "HO2'" 1 
ATOM 412 H "H1'"  . A A 1 13 ? -6.534 9.834   2.870   1.00 0.00 ? 13 A A "H1'"  1 
ATOM 413 H H8     . A A 1 13 ? -7.318 6.545   4.613   1.00 0.00 ? 13 A A H8     1 
ATOM 414 H H61    . A A 1 13 ? -8.777 4.296   -0.978  1.00 0.00 ? 13 A A H61    1 
ATOM 415 H H62    . A A 1 13 ? -8.431 3.889   0.689   1.00 0.00 ? 13 A A H62    1 
ATOM 416 H H2     . A A 1 13 ? -8.391 8.749   -1.351  1.00 0.00 ? 13 A A H2     1 
# 
